data_6PEF
#
_entry.id   6PEF
#
_cell.length_a   72.574
_cell.length_b   52.504
_cell.length_c   151.716
_cell.angle_alpha   90.000
_cell.angle_beta   90.680
_cell.angle_gamma   90.000
#
_symmetry.space_group_name_H-M   'P 1 21 1'
#
loop_
_entity.id
_entity.type
_entity.pdbx_description
1 polymer 'antibody DF2F-a.01 heavy chain'
2 polymer 'antibody DF2F-a.01 light chain'
3 polymer 'HIV fusion peptide residue 512-519'
4 water water
#
loop_
_entity_poly.entity_id
_entity_poly.type
_entity_poly.pdbx_seq_one_letter_code
_entity_poly.pdbx_strand_id
1 'polypeptide(L)'
;QVQLQESGPAVMKPSETLSLTCAVSGGSISGDYGWSWIRQAPGKGLEWIAIIFGSSGSTYYSPSLKSRVTISKDTSKNQF
SLKLNSVTAADTAVYFCAGSPVRQREQDYWGQGVLVTVSSASTKGPSVFPLAPSSRSTSESTAALGCLVKDYFPEPVTVS
WNSGSLTSGVHTFPAVLQSSGLYSLSSVVTVPSSSLGTQTYVCNVNHKPSNTKVDKRVEIKTCGGG
;
A,D
2 'polypeptide(L)'
;QSVLTQPPSVSAAPGQKVTISCSGSSSNIGINYVAWYQQVPGTAPKLLIYDSNKRPSGVSDRFSGSKSGISASLAITGLQ
TGDEADYYCGVWDTSLTAYIFGAGTRLTVLGQPKAAPSVTLFPPSSEELQANKATLVCLISDFYPGAVEVAWKADGSAVN
AGVETTKPSKQSNNKYAASSYLSLTSDQWKSHKSYSCQVTHEGSTVEKTVAPAECS
;
B,E
3 'polypeptide(L)' AVGIGAVF C,F
#
# COMPACT_ATOMS: atom_id res chain seq x y z
N VAL A 2 19.59 21.88 33.85
CA VAL A 2 19.77 22.08 32.43
C VAL A 2 19.13 20.94 31.67
N GLN A 3 18.43 21.30 30.61
CA GLN A 3 17.82 20.33 29.72
C GLN A 3 18.30 20.52 28.29
N LEU A 4 18.49 19.42 27.61
CA LEU A 4 18.97 19.41 26.24
C LEU A 4 17.97 18.68 25.36
N GLN A 5 17.78 19.18 24.13
CA GLN A 5 16.90 18.57 23.14
C GLN A 5 17.59 18.58 21.79
N GLU A 6 17.91 17.40 21.27
CA GLU A 6 18.49 17.34 19.94
C GLU A 6 17.40 17.49 18.88
N SER A 7 17.81 17.92 17.69
CA SER A 7 16.97 17.77 16.52
C SER A 7 17.85 17.57 15.30
N GLY A 8 17.38 16.73 14.37
CA GLY A 8 18.10 16.45 13.16
C GLY A 8 17.32 15.49 12.27
N PRO A 9 17.87 15.17 11.09
CA PRO A 9 17.17 14.29 10.15
C PRO A 9 17.25 12.84 10.56
N ALA A 10 16.13 12.14 10.39
CA ALA A 10 16.13 10.70 10.64
C ALA A 10 16.87 9.94 9.55
N VAL A 11 16.83 10.40 8.30
CA VAL A 11 17.41 9.64 7.19
C VAL A 11 18.20 10.58 6.30
N MET A 12 19.37 10.09 5.86
CA MET A 12 20.27 10.85 5.01
C MET A 12 20.87 9.93 3.97
N LYS A 13 21.28 10.53 2.88
CA LYS A 13 21.97 9.87 1.79
C LYS A 13 23.48 10.01 1.97
N PRO A 14 24.26 9.03 1.52
CA PRO A 14 25.72 9.17 1.62
C PRO A 14 26.20 10.39 0.85
N SER A 15 27.32 10.95 1.30
CA SER A 15 28.02 12.13 0.81
C SER A 15 27.36 13.44 1.27
N GLU A 16 26.19 13.42 1.90
CA GLU A 16 25.59 14.65 2.37
C GLU A 16 26.24 15.12 3.67
N THR A 17 25.89 16.32 4.09
CA THR A 17 26.39 16.91 5.34
C THR A 17 25.30 16.77 6.40
N LEU A 18 25.64 16.12 7.52
CA LEU A 18 24.71 16.00 8.63
C LEU A 18 24.79 17.25 9.48
N SER A 19 23.63 17.79 9.86
CA SER A 19 23.60 19.01 10.65
C SER A 19 22.65 18.81 11.81
N LEU A 20 23.14 19.04 13.02
CA LEU A 20 22.38 18.75 14.23
C LEU A 20 22.40 20.00 15.10
N THR A 21 21.31 20.20 15.82
CA THR A 21 21.19 21.29 16.76
C THR A 21 20.73 20.76 18.10
N CYS A 22 21.19 21.43 19.16
CA CYS A 22 20.82 21.09 20.52
C CYS A 22 20.30 22.36 21.17
N ALA A 23 19.03 22.36 21.54
CA ALA A 23 18.43 23.47 22.26
C ALA A 23 18.71 23.31 23.74
N VAL A 24 19.27 24.35 24.36
CA VAL A 24 19.65 24.33 25.76
C VAL A 24 18.74 25.26 26.55
N SER A 25 18.22 24.77 27.67
CA SER A 25 17.36 25.55 28.54
C SER A 25 17.77 25.31 29.98
N GLY A 26 17.56 26.32 30.82
CA GLY A 26 17.85 26.20 32.23
C GLY A 26 19.30 26.46 32.58
N GLY A 27 20.13 26.76 31.59
CA GLY A 27 21.46 27.28 31.83
C GLY A 27 21.85 28.10 30.62
N SER A 28 22.88 28.92 30.78
CA SER A 28 23.34 29.80 29.71
C SER A 28 24.37 29.09 28.83
N ILE A 29 24.15 29.10 27.52
CA ILE A 29 25.10 28.45 26.60
C ILE A 29 26.52 29.04 26.77
N SER A 30 26.62 30.29 27.16
CA SER A 30 27.92 30.93 27.31
C SER A 30 28.34 30.99 28.78
N GLY A 31 27.70 30.20 29.62
CA GLY A 31 28.16 29.98 30.97
C GLY A 31 29.35 29.03 31.02
N ASP A 32 29.78 28.73 32.25
CA ASP A 32 30.98 27.94 32.51
C ASP A 32 30.69 26.45 32.30
N TYR A 33 30.42 26.08 31.05
CA TYR A 33 30.06 24.71 30.70
C TYR A 33 30.91 24.22 29.55
N GLY A 34 30.99 22.89 29.42
CA GLY A 34 31.39 22.25 28.18
C GLY A 34 30.23 21.52 27.56
N TRP A 35 29.99 21.79 26.26
CA TRP A 35 28.88 21.23 25.50
C TRP A 35 29.41 20.24 24.46
N SER A 36 29.05 18.96 24.60
CA SER A 36 29.61 17.92 23.76
C SER A 36 28.56 17.32 22.84
N TRP A 37 29.01 16.79 21.69
CA TRP A 37 28.25 15.82 20.92
C TRP A 37 28.87 14.43 21.08
N ILE A 38 28.02 13.41 21.18
CA ILE A 38 28.43 12.01 21.34
C ILE A 38 27.52 11.18 20.45
N ARG A 39 28.04 10.07 19.95
CA ARG A 39 27.21 9.19 19.12
C ARG A 39 27.46 7.74 19.50
N GLN A 40 26.50 6.90 19.13
CA GLN A 40 26.59 5.47 19.38
C GLN A 40 25.99 4.74 18.20
N ALA A 41 26.83 4.04 17.44
CA ALA A 41 26.32 3.23 16.37
C ALA A 41 25.60 2.00 16.95
N PRO A 42 24.56 1.50 16.28
CA PRO A 42 23.73 0.45 16.90
C PRO A 42 24.57 -0.76 17.30
N GLY A 43 24.42 -1.18 18.55
CA GLY A 43 25.20 -2.29 19.06
C GLY A 43 26.67 -2.01 19.32
N LYS A 44 27.08 -0.74 19.37
CA LYS A 44 28.50 -0.42 19.56
C LYS A 44 28.69 0.53 20.74
N GLY A 45 29.92 1.00 20.94
CA GLY A 45 30.23 1.80 22.10
C GLY A 45 29.93 3.28 21.90
N LEU A 46 29.97 4.01 23.01
CA LEU A 46 29.85 5.47 22.98
C LEU A 46 31.09 6.08 22.35
N GLU A 47 30.90 7.09 21.48
CA GLU A 47 32.03 7.74 20.82
C GLU A 47 31.87 9.26 20.93
N TRP A 48 32.73 9.89 21.72
CA TRP A 48 32.73 11.36 21.82
C TRP A 48 33.21 11.97 20.51
N ILE A 49 32.56 13.06 20.08
CA ILE A 49 32.83 13.68 18.80
C ILE A 49 33.59 15.00 18.96
N ALA A 50 33.10 15.89 19.82
CA ALA A 50 33.61 17.24 19.90
C ALA A 50 33.01 17.92 21.12
N ILE A 51 33.68 18.99 21.57
CA ILE A 51 33.18 19.86 22.64
C ILE A 51 33.41 21.31 22.27
N ILE A 52 32.54 22.19 22.78
CA ILE A 52 32.77 23.64 22.74
C ILE A 52 32.51 24.18 24.12
N PHE A 53 33.43 25.01 24.62
CA PHE A 53 33.28 25.59 25.94
C PHE A 53 32.54 26.92 25.84
N GLY A 54 31.55 27.11 26.73
CA GLY A 54 30.69 28.27 26.61
C GLY A 54 31.41 29.58 26.88
N SER A 55 32.30 29.59 27.87
CA SER A 55 32.95 30.82 28.30
C SER A 55 33.96 31.31 27.27
N SER A 56 34.83 30.42 26.80
CA SER A 56 35.91 30.78 25.91
C SER A 56 35.56 30.63 24.44
N GLY A 57 34.64 29.75 24.08
CA GLY A 57 34.49 29.39 22.69
C GLY A 57 35.52 28.42 22.16
N SER A 58 36.42 27.91 23.02
CA SER A 58 37.40 26.91 22.57
C SER A 58 36.70 25.62 22.18
N THR A 59 37.23 24.97 21.14
CA THR A 59 36.67 23.73 20.63
C THR A 59 37.75 22.65 20.54
N TYR A 60 37.33 21.41 20.77
CA TYR A 60 38.20 20.24 20.68
C TYR A 60 37.43 19.10 20.02
N TYR A 61 38.17 18.19 19.38
CA TYR A 61 37.60 17.22 18.46
C TYR A 61 38.24 15.86 18.64
N SER A 62 37.43 14.80 18.54
CA SER A 62 37.90 13.45 18.26
C SER A 62 38.96 13.48 17.17
N PRO A 63 40.17 12.94 17.41
CA PRO A 63 41.17 12.91 16.33
C PRO A 63 40.69 12.23 15.06
N SER A 64 39.90 11.17 15.16
CA SER A 64 39.48 10.46 13.96
C SER A 64 38.34 11.15 13.22
N LEU A 65 37.65 12.10 13.84
CA LEU A 65 36.55 12.80 13.17
C LEU A 65 36.87 14.25 12.87
N LYS A 66 37.96 14.79 13.43
CA LYS A 66 38.23 16.21 13.38
C LYS A 66 38.18 16.75 11.95
N SER A 67 38.65 15.98 10.97
CA SER A 67 38.77 16.51 9.62
C SER A 67 37.42 16.70 8.95
N ARG A 68 36.34 16.19 9.53
CA ARG A 68 35.01 16.26 8.93
C ARG A 68 33.98 16.95 9.81
N VAL A 69 34.33 17.45 10.99
CA VAL A 69 33.32 17.94 11.92
C VAL A 69 33.53 19.41 12.26
N THR A 70 32.39 20.09 12.43
CA THR A 70 32.30 21.47 12.91
C THR A 70 31.41 21.48 14.15
N ILE A 71 31.82 22.16 15.22
CA ILE A 71 30.97 22.38 16.38
C ILE A 71 30.89 23.88 16.68
N SER A 72 29.66 24.37 16.91
CA SER A 72 29.37 25.81 17.00
C SER A 72 28.38 26.06 18.13
N LYS A 73 28.31 27.32 18.59
CA LYS A 73 27.30 27.70 19.56
C LYS A 73 26.68 29.04 19.16
N ASP A 74 25.45 29.26 19.62
CA ASP A 74 24.69 30.47 19.26
C ASP A 74 24.09 31.05 20.54
N THR A 75 24.62 32.19 20.98
CA THR A 75 24.20 32.75 22.27
C THR A 75 22.78 33.30 22.23
N SER A 76 22.37 33.91 21.10
CA SER A 76 21.03 34.47 21.02
C SER A 76 19.96 33.38 21.09
N LYS A 77 20.29 32.21 20.57
CA LYS A 77 19.47 31.01 20.44
C LYS A 77 19.61 30.04 21.60
N ASN A 78 20.60 30.26 22.47
CA ASN A 78 20.98 29.32 23.53
C ASN A 78 20.98 27.89 23.00
N GLN A 79 21.84 27.67 22.02
CA GLN A 79 21.97 26.35 21.42
C GLN A 79 23.42 26.10 21.00
N PHE A 80 23.71 24.84 20.70
CA PHE A 80 24.95 24.51 20.03
C PHE A 80 24.63 23.45 18.99
N SER A 81 25.58 23.21 18.09
CA SER A 81 25.28 22.48 16.89
C SER A 81 26.51 21.72 16.40
N LEU A 82 26.25 20.80 15.47
CA LEU A 82 27.26 19.92 14.92
C LEU A 82 27.05 19.87 13.41
N LYS A 83 28.15 19.88 12.66
CA LYS A 83 28.11 19.53 11.26
C LYS A 83 29.13 18.43 11.01
N LEU A 84 28.72 17.40 10.28
CA LEU A 84 29.59 16.29 9.94
C LEU A 84 29.42 16.08 8.46
N ASN A 85 30.47 16.29 7.68
CA ASN A 85 30.26 16.23 6.23
C ASN A 85 30.67 14.88 5.65
N SER A 86 30.18 14.62 4.43
CA SER A 86 30.58 13.45 3.66
C SER A 86 30.21 12.15 4.37
N VAL A 87 28.96 12.08 4.84
CA VAL A 87 28.58 10.93 5.65
C VAL A 87 28.57 9.67 4.80
N THR A 88 28.74 8.54 5.48
CA THR A 88 28.52 7.23 4.89
C THR A 88 27.67 6.42 5.86
N ALA A 89 27.38 5.17 5.47
CA ALA A 89 26.66 4.27 6.37
C ALA A 89 27.37 4.12 7.71
N ALA A 90 28.70 4.24 7.71
CA ALA A 90 29.46 4.18 8.96
C ALA A 90 29.07 5.26 9.96
N ASP A 91 28.35 6.29 9.52
CA ASP A 91 27.93 7.36 10.40
C ASP A 91 26.51 7.15 10.93
N THR A 92 25.84 6.09 10.52
CA THR A 92 24.56 5.73 11.14
C THR A 92 24.77 5.51 12.65
N ALA A 93 23.99 6.22 13.45
CA ALA A 93 24.19 6.22 14.90
C ALA A 93 23.07 6.99 15.56
N VAL A 94 22.93 6.80 16.86
CA VAL A 94 22.19 7.72 17.72
C VAL A 94 23.15 8.81 18.16
N TYR A 95 22.79 10.08 17.89
CA TYR A 95 23.60 11.24 18.24
C TYR A 95 23.01 11.89 19.49
N PHE A 96 23.83 12.05 20.52
CA PHE A 96 23.43 12.67 21.78
C PHE A 96 24.10 14.03 21.90
N CYS A 97 23.36 15.05 22.32
CA CYS A 97 24.02 16.23 22.88
C CYS A 97 24.15 16.06 24.38
N ALA A 98 25.28 16.51 24.94
CA ALA A 98 25.53 16.42 26.36
C ALA A 98 26.21 17.70 26.84
N GLY A 99 26.25 17.86 28.16
CA GLY A 99 26.88 19.03 28.74
C GLY A 99 27.26 18.77 30.17
N SER A 100 28.19 19.59 30.66
CA SER A 100 28.66 19.50 32.04
C SER A 100 29.19 20.86 32.47
N PRO A 101 28.93 21.29 33.70
CA PRO A 101 29.68 22.43 34.24
C PRO A 101 31.17 22.10 34.25
N VAL A 102 31.99 23.13 34.04
CA VAL A 102 33.42 22.92 34.05
C VAL A 102 33.91 22.56 35.44
N ARG A 103 33.33 23.18 36.47
CA ARG A 103 33.80 22.91 37.84
C ARG A 103 32.86 22.00 38.64
N GLN A 104 31.54 22.15 38.50
CA GLN A 104 30.60 21.29 39.24
C GLN A 104 30.31 20.02 38.44
N ARG A 105 31.32 19.14 38.38
CA ARG A 105 31.24 17.97 37.50
C ARG A 105 30.34 16.86 38.01
N GLU A 106 29.77 16.98 39.22
CA GLU A 106 28.75 16.02 39.63
C GLU A 106 27.48 16.16 38.79
N GLN A 107 27.30 17.27 38.10
CA GLN A 107 26.16 17.46 37.21
C GLN A 107 26.52 17.00 35.79
N ASP A 108 25.56 16.36 35.14
CA ASP A 108 25.78 15.68 33.87
C ASP A 108 24.48 15.78 33.10
N TYR A 109 24.46 16.51 31.98
CA TYR A 109 23.22 16.67 31.24
C TYR A 109 23.32 15.93 29.91
N TRP A 110 22.27 15.20 29.55
CA TRP A 110 22.19 14.48 28.28
C TRP A 110 20.83 14.71 27.63
N GLY A 111 20.83 14.91 26.32
CA GLY A 111 19.60 14.78 25.57
C GLY A 111 19.22 13.32 25.44
N GLN A 112 18.04 13.07 24.89
CA GLN A 112 17.64 11.68 24.77
C GLN A 112 18.16 11.05 23.49
N GLY A 113 18.75 11.83 22.59
CA GLY A 113 19.36 11.24 21.43
C GLY A 113 18.46 11.21 20.21
N VAL A 114 19.04 11.39 19.03
CA VAL A 114 18.29 11.28 17.79
C VAL A 114 18.97 10.27 16.90
N LEU A 115 18.20 9.31 16.41
CA LEU A 115 18.74 8.32 15.47
C LEU A 115 18.89 8.95 14.10
N VAL A 116 20.08 8.84 13.52
CA VAL A 116 20.36 9.28 12.16
C VAL A 116 20.78 8.06 11.37
N THR A 117 20.01 7.73 10.33
CA THR A 117 20.30 6.60 9.45
C THR A 117 20.82 7.12 8.12
N VAL A 118 21.99 6.64 7.71
CA VAL A 118 22.61 7.04 6.44
C VAL A 118 22.50 5.87 5.49
N SER A 119 21.79 6.06 4.38
CA SER A 119 21.53 4.98 3.44
C SER A 119 21.29 5.57 2.05
N SER A 120 21.76 4.85 1.03
CA SER A 120 21.39 5.21 -0.34
C SER A 120 19.96 4.81 -0.69
N ALA A 121 19.31 3.98 0.11
CA ALA A 121 17.98 3.47 -0.22
C ALA A 121 16.94 4.59 -0.27
N SER A 122 15.90 4.39 -1.08
CA SER A 122 14.77 5.29 -1.11
C SER A 122 13.62 4.72 -0.31
N THR A 123 12.76 5.62 0.18
CA THR A 123 11.57 5.18 0.91
C THR A 123 10.79 4.18 0.09
N LYS A 124 10.36 3.10 0.75
CA LYS A 124 9.58 2.06 0.09
C LYS A 124 8.69 1.40 1.13
N GLY A 125 7.41 1.28 0.82
CA GLY A 125 6.49 0.58 1.68
C GLY A 125 6.67 -0.92 1.53
N PRO A 126 6.26 -1.68 2.54
CA PRO A 126 6.46 -3.12 2.50
C PRO A 126 5.32 -3.85 1.80
N SER A 127 5.66 -5.03 1.28
CA SER A 127 4.65 -6.00 0.90
C SER A 127 4.41 -6.93 2.09
N VAL A 128 3.13 -7.21 2.36
CA VAL A 128 2.73 -8.01 3.50
C VAL A 128 2.25 -9.36 2.99
N PHE A 129 2.83 -10.43 3.52
CA PHE A 129 2.45 -11.78 3.13
C PHE A 129 1.96 -12.56 4.34
N PRO A 130 0.85 -13.28 4.22
CA PRO A 130 0.36 -14.06 5.36
C PRO A 130 1.23 -15.31 5.56
N LEU A 131 1.46 -15.64 6.81
CA LEU A 131 2.19 -16.85 7.18
C LEU A 131 1.15 -17.80 7.76
N ALA A 132 0.71 -18.71 6.95
CA ALA A 132 -0.35 -19.58 7.43
C ALA A 132 0.24 -20.85 8.04
N PRO A 133 -0.40 -21.36 9.10
CA PRO A 133 0.10 -22.59 9.72
C PRO A 133 -0.14 -23.79 8.82
N SER A 134 0.69 -24.80 8.99
CA SER A 134 0.41 -26.04 8.31
C SER A 134 -0.53 -26.88 9.16
N SER A 135 -1.16 -27.86 8.54
CA SER A 135 -2.19 -28.64 9.21
C SER A 135 -1.61 -29.72 10.11
N ARG A 136 -0.32 -29.99 9.97
CA ARG A 136 0.41 -30.74 10.98
C ARG A 136 0.51 -29.95 12.28
N SER A 137 0.86 -28.66 12.17
CA SER A 137 0.77 -27.76 13.31
C SER A 137 -0.68 -27.63 13.77
N THR A 138 -1.64 -27.77 12.85
CA THR A 138 -3.06 -27.70 13.20
C THR A 138 -3.48 -28.90 14.03
N SER A 139 -2.83 -30.06 13.86
CA SER A 139 -3.14 -31.21 14.70
C SER A 139 -2.67 -31.05 16.14
N GLU A 140 -1.77 -30.10 16.41
CA GLU A 140 -1.38 -29.78 17.78
C GLU A 140 -2.50 -28.98 18.46
N SER A 141 -2.33 -28.74 19.77
CA SER A 141 -3.36 -27.98 20.49
C SER A 141 -3.35 -26.51 20.08
N THR A 142 -2.17 -25.95 19.81
CA THR A 142 -2.04 -24.56 19.41
C THR A 142 -1.31 -24.48 18.07
N ALA A 143 -1.52 -23.36 17.36
CA ALA A 143 -0.93 -23.15 16.05
C ALA A 143 -0.38 -21.73 15.95
N ALA A 144 0.72 -21.59 15.22
CA ALA A 144 1.38 -20.31 14.99
C ALA A 144 0.90 -19.75 13.66
N LEU A 145 0.39 -18.52 13.70
CA LEU A 145 -0.11 -17.77 12.57
C LEU A 145 0.71 -16.48 12.45
N GLY A 146 1.02 -16.03 11.23
CA GLY A 146 1.88 -14.86 11.14
C GLY A 146 1.68 -13.96 9.94
N CYS A 147 2.52 -12.92 9.87
CA CYS A 147 2.60 -12.09 8.66
C CYS A 147 4.02 -11.61 8.47
N LEU A 148 4.53 -11.84 7.27
CA LEU A 148 5.84 -11.35 6.84
C LEU A 148 5.69 -9.95 6.27
N VAL A 149 6.50 -9.03 6.78
CA VAL A 149 6.53 -7.65 6.31
C VAL A 149 7.85 -7.47 5.58
N LYS A 150 7.82 -7.54 4.25
CA LYS A 150 9.02 -7.71 3.43
C LYS A 150 9.42 -6.43 2.69
N ASP A 151 10.71 -6.12 2.72
CA ASP A 151 11.36 -5.14 1.84
C ASP A 151 10.75 -3.74 1.98
N TYR A 152 11.01 -3.12 3.15
CA TYR A 152 10.63 -1.73 3.37
C TYR A 152 11.84 -0.91 3.80
N PHE A 153 11.68 0.43 3.69
CA PHE A 153 12.67 1.41 4.13
C PHE A 153 12.00 2.77 4.29
N PRO A 154 12.33 3.53 5.33
CA PRO A 154 13.21 3.16 6.44
C PRO A 154 12.42 2.54 7.59
N GLU A 155 13.11 2.28 8.70
CA GLU A 155 12.40 1.96 9.92
C GLU A 155 11.59 3.17 10.36
N PRO A 156 10.54 2.98 11.19
CA PRO A 156 9.99 1.75 11.76
C PRO A 156 8.67 1.29 11.13
N VAL A 157 8.31 0.05 11.42
CA VAL A 157 7.00 -0.51 11.13
C VAL A 157 6.40 -0.95 12.45
N THR A 158 5.09 -0.78 12.61
CA THR A 158 4.35 -1.34 13.73
C THR A 158 3.37 -2.39 13.24
N VAL A 159 3.21 -3.46 14.02
CA VAL A 159 2.25 -4.51 13.72
C VAL A 159 1.31 -4.69 14.90
N SER A 160 0.03 -4.83 14.61
CA SER A 160 -0.96 -5.24 15.58
C SER A 160 -1.80 -6.33 14.95
N TRP A 161 -2.70 -6.92 15.75
CA TRP A 161 -3.54 -8.02 15.30
C TRP A 161 -4.98 -7.72 15.69
N ASN A 162 -5.88 -7.93 14.74
CA ASN A 162 -7.32 -7.67 14.91
C ASN A 162 -7.56 -6.30 15.55
N SER A 163 -6.88 -5.28 15.00
CA SER A 163 -6.99 -3.89 15.46
C SER A 163 -6.64 -3.76 16.94
N GLY A 164 -5.62 -4.48 17.38
CA GLY A 164 -5.18 -4.41 18.76
C GLY A 164 -6.02 -5.20 19.73
N SER A 165 -7.13 -5.79 19.28
CA SER A 165 -7.95 -6.60 20.16
C SER A 165 -7.32 -7.94 20.51
N LEU A 166 -6.32 -8.38 19.76
CA LEU A 166 -5.62 -9.64 20.03
C LEU A 166 -4.19 -9.32 20.45
N THR A 167 -3.87 -9.58 21.72
CA THR A 167 -2.55 -9.26 22.27
C THR A 167 -1.83 -10.46 22.86
N SER A 168 -2.54 -11.48 23.32
CA SER A 168 -1.89 -12.61 23.97
C SER A 168 -1.27 -13.53 22.93
N GLY A 169 -0.03 -13.94 23.16
CA GLY A 169 0.66 -14.82 22.25
C GLY A 169 1.20 -14.14 21.01
N VAL A 170 1.17 -12.82 20.95
CA VAL A 170 1.71 -12.07 19.83
C VAL A 170 3.20 -11.83 20.07
N HIS A 171 4.02 -12.12 19.06
CA HIS A 171 5.44 -11.85 19.12
C HIS A 171 5.86 -11.19 17.80
N THR A 172 6.27 -9.92 17.87
CA THR A 172 6.73 -9.20 16.70
C THR A 172 8.25 -9.11 16.78
N PHE A 173 8.91 -9.57 15.78
CA PHE A 173 10.35 -9.69 15.82
C PHE A 173 11.04 -8.47 15.24
N PRO A 174 12.18 -8.09 15.84
CA PRO A 174 13.02 -7.05 15.24
C PRO A 174 13.37 -7.37 13.79
N ALA A 175 13.55 -6.30 12.99
CA ALA A 175 13.79 -6.44 11.57
C ALA A 175 15.18 -6.95 11.26
N VAL A 176 15.31 -7.61 10.13
CA VAL A 176 16.60 -7.89 9.51
C VAL A 176 16.88 -6.76 8.53
N LEU A 177 18.15 -6.43 8.35
CA LEU A 177 18.58 -5.55 7.27
C LEU A 177 19.29 -6.40 6.24
N GLN A 178 18.85 -6.30 4.99
CA GLN A 178 19.39 -7.12 3.91
C GLN A 178 20.38 -6.32 3.08
N SER A 179 21.20 -7.05 2.30
CA SER A 179 22.20 -6.46 1.43
C SER A 179 21.60 -5.43 0.47
N SER A 180 20.30 -5.53 0.18
CA SER A 180 19.60 -4.57 -0.66
C SER A 180 19.40 -3.21 0.00
N GLY A 181 19.61 -3.10 1.31
CA GLY A 181 19.28 -1.89 2.03
C GLY A 181 17.88 -1.84 2.60
N LEU A 182 17.06 -2.85 2.32
CA LEU A 182 15.69 -2.88 2.79
C LEU A 182 15.52 -3.84 3.97
N TYR A 183 14.59 -3.51 4.85
CA TYR A 183 14.31 -4.29 6.04
C TYR A 183 13.16 -5.25 5.77
N SER A 184 13.13 -6.32 6.55
CA SER A 184 11.93 -7.13 6.72
C SER A 184 11.82 -7.56 8.17
N LEU A 185 10.58 -7.86 8.59
CA LEU A 185 10.31 -8.39 9.91
C LEU A 185 9.08 -9.28 9.82
N SER A 186 8.85 -10.06 10.88
CA SER A 186 7.69 -10.92 10.99
C SER A 186 7.05 -10.73 12.35
N SER A 187 5.75 -10.98 12.39
CA SER A 187 4.96 -10.99 13.61
C SER A 187 4.20 -12.31 13.64
N VAL A 188 4.17 -12.99 14.80
CA VAL A 188 3.50 -14.28 14.84
C VAL A 188 2.52 -14.19 15.99
N VAL A 189 1.42 -14.93 15.90
CA VAL A 189 0.48 -15.05 17.01
C VAL A 189 0.13 -16.52 17.16
N THR A 190 0.25 -17.04 18.38
CA THR A 190 -0.11 -18.43 18.65
C THR A 190 -1.50 -18.47 19.25
N VAL A 191 -2.37 -19.29 18.68
CA VAL A 191 -3.79 -19.33 19.06
C VAL A 191 -4.25 -20.78 19.16
N PRO A 192 -5.33 -21.02 19.90
CA PRO A 192 -5.88 -22.39 19.99
C PRO A 192 -6.29 -22.90 18.61
N SER A 193 -5.92 -24.15 18.32
CA SER A 193 -6.12 -24.65 16.96
C SER A 193 -7.58 -24.86 16.64
N SER A 194 -8.41 -25.01 17.67
CA SER A 194 -9.85 -25.07 17.46
C SER A 194 -10.40 -23.75 16.94
N SER A 195 -9.77 -22.65 17.32
CA SER A 195 -10.23 -21.32 16.92
C SER A 195 -10.07 -21.03 15.44
N LEU A 196 -9.35 -21.89 14.70
CA LEU A 196 -8.90 -21.52 13.36
C LEU A 196 -10.02 -21.47 12.34
N GLY A 197 -11.17 -22.11 12.62
CA GLY A 197 -12.31 -22.01 11.74
C GLY A 197 -13.29 -20.95 12.15
N THR A 198 -13.30 -20.63 13.45
CA THR A 198 -14.27 -19.70 14.03
C THR A 198 -13.77 -18.26 14.11
N GLN A 199 -12.47 -18.02 14.16
CA GLN A 199 -11.94 -16.69 14.40
C GLN A 199 -11.24 -16.16 13.16
N THR A 200 -11.49 -14.89 12.86
CA THR A 200 -10.77 -14.17 11.82
C THR A 200 -9.48 -13.60 12.41
N TYR A 201 -8.37 -13.78 11.68
CA TYR A 201 -7.08 -13.23 12.09
C TYR A 201 -6.55 -12.29 11.01
N VAL A 202 -6.34 -11.03 11.39
CA VAL A 202 -5.86 -9.98 10.50
C VAL A 202 -4.68 -9.29 11.19
N CYS A 203 -3.56 -9.16 10.49
CA CYS A 203 -2.45 -8.36 10.99
C CYS A 203 -2.46 -6.97 10.36
N ASN A 204 -2.42 -5.94 11.20
CA ASN A 204 -2.44 -4.54 10.78
C ASN A 204 -1.01 -3.99 10.77
N VAL A 205 -0.47 -3.76 9.58
CA VAL A 205 0.90 -3.30 9.39
C VAL A 205 0.86 -1.83 9.06
N ASN A 206 1.57 -1.00 9.83
CA ASN A 206 1.64 0.43 9.56
C ASN A 206 3.09 0.85 9.34
N HIS A 207 3.34 1.46 8.18
CA HIS A 207 4.63 2.03 7.82
C HIS A 207 4.40 3.52 7.52
N LYS A 208 4.47 4.35 8.56
CA LYS A 208 4.17 5.76 8.37
C LYS A 208 5.17 6.51 7.46
N PRO A 209 6.44 6.12 7.32
CA PRO A 209 7.30 6.85 6.38
C PRO A 209 6.83 6.80 4.93
N SER A 210 6.07 5.78 4.55
CA SER A 210 5.57 5.67 3.19
C SER A 210 4.07 5.88 3.13
N ASN A 211 3.45 6.26 4.25
CA ASN A 211 2.01 6.45 4.33
C ASN A 211 1.26 5.16 4.01
N THR A 212 1.83 4.02 4.35
CA THR A 212 1.27 2.73 3.97
C THR A 212 0.74 2.01 5.21
N LYS A 213 -0.47 1.49 5.08
CA LYS A 213 -1.15 0.79 6.16
C LYS A 213 -1.94 -0.35 5.52
N VAL A 214 -1.57 -1.59 5.83
CA VAL A 214 -2.18 -2.77 5.22
C VAL A 214 -2.74 -3.64 6.32
N ASP A 215 -3.98 -4.08 6.15
CA ASP A 215 -4.61 -5.04 7.05
C ASP A 215 -4.74 -6.35 6.28
N LYS A 216 -3.88 -7.31 6.60
CA LYS A 216 -3.76 -8.55 5.84
C LYS A 216 -4.50 -9.67 6.56
N ARG A 217 -5.45 -10.27 5.86
CA ARG A 217 -6.18 -11.42 6.38
C ARG A 217 -5.34 -12.68 6.23
N VAL A 218 -5.29 -13.48 7.29
CA VAL A 218 -4.51 -14.72 7.31
C VAL A 218 -5.49 -15.88 7.20
N GLU A 219 -5.54 -16.53 6.04
CA GLU A 219 -6.49 -17.60 5.76
C GLU A 219 -5.84 -18.98 5.87
N ILE A 220 -6.66 -20.02 5.67
CA ILE A 220 -6.32 -21.45 5.79
C ILE A 220 -5.60 -21.71 7.11
N SER B 2 40.28 2.04 20.72
CA SER B 2 40.30 2.96 21.85
C SER B 2 41.62 2.88 22.61
N VAL B 3 42.18 4.03 22.97
CA VAL B 3 43.39 4.06 23.78
C VAL B 3 43.10 3.71 25.25
N LEU B 4 41.84 3.53 25.61
CA LEU B 4 41.47 2.99 26.90
C LEU B 4 40.97 1.58 26.67
N THR B 5 41.46 0.64 27.46
CA THR B 5 41.02 -0.74 27.34
C THR B 5 40.23 -1.14 28.58
N GLN B 6 39.03 -1.68 28.35
CA GLN B 6 38.29 -2.34 29.41
C GLN B 6 37.81 -3.68 28.85
N PRO B 7 37.60 -4.67 29.72
CA PRO B 7 37.14 -5.97 29.25
C PRO B 7 35.80 -5.86 28.58
N PRO B 8 35.56 -6.63 27.52
CA PRO B 8 34.25 -6.56 26.86
C PRO B 8 33.11 -7.09 27.72
N SER B 9 33.39 -7.99 28.66
CA SER B 9 32.30 -8.55 29.45
C SER B 9 32.81 -8.93 30.83
N VAL B 10 31.92 -8.89 31.81
CA VAL B 10 32.21 -9.35 33.16
C VAL B 10 30.94 -10.03 33.68
N SER B 11 31.12 -11.03 34.52
CA SER B 11 29.96 -11.75 35.03
C SER B 11 30.21 -12.16 36.47
N ALA B 12 29.14 -12.20 37.27
CA ALA B 12 29.23 -12.66 38.64
C ALA B 12 27.85 -13.06 39.12
N ALA B 13 27.83 -13.77 40.25
CA ALA B 13 26.59 -14.22 40.85
C ALA B 13 25.96 -13.08 41.67
N PRO B 14 24.64 -13.09 41.84
CA PRO B 14 24.00 -12.10 42.72
C PRO B 14 24.66 -12.06 44.09
N GLY B 15 24.78 -10.85 44.63
CA GLY B 15 25.41 -10.60 45.91
C GLY B 15 26.92 -10.44 45.86
N GLN B 16 27.57 -10.83 44.77
CA GLN B 16 29.02 -10.77 44.71
C GLN B 16 29.51 -9.35 44.44
N LYS B 17 30.80 -9.14 44.66
CA LYS B 17 31.44 -7.86 44.31
C LYS B 17 32.09 -7.98 42.94
N VAL B 18 31.74 -7.05 42.05
CA VAL B 18 32.26 -7.01 40.68
C VAL B 18 33.17 -5.81 40.56
N THR B 19 34.29 -5.97 39.87
CA THR B 19 35.17 -4.85 39.55
C THR B 19 35.30 -4.74 38.04
N ILE B 20 35.15 -3.53 37.52
CA ILE B 20 35.36 -3.23 36.11
C ILE B 20 36.52 -2.25 36.03
N SER B 21 37.54 -2.59 35.29
CA SER B 21 38.74 -1.77 35.23
C SER B 21 38.92 -1.18 33.84
N CYS B 22 39.59 -0.02 33.81
CA CYS B 22 39.85 0.71 32.59
C CYS B 22 41.34 1.06 32.62
N SER B 23 42.06 0.65 31.60
CA SER B 23 43.50 0.88 31.52
C SER B 23 43.82 1.89 30.42
N GLY B 24 44.57 2.94 30.78
CA GLY B 24 44.87 4.01 29.84
C GLY B 24 46.34 4.37 29.80
N SER B 25 46.65 5.66 29.92
CA SER B 25 48.02 6.17 29.88
C SER B 25 48.14 7.30 30.89
N SER B 26 49.36 7.78 31.08
CA SER B 26 49.60 8.89 31.98
C SER B 26 48.92 10.16 31.50
N SER B 27 48.66 10.28 30.19
CA SER B 27 48.01 11.45 29.62
C SER B 27 46.48 11.47 29.79
N ASN B 28 45.82 10.32 29.94
CA ASN B 28 44.39 10.41 30.26
C ASN B 28 44.09 10.06 31.71
N ILE B 29 44.06 8.77 32.04
CA ILE B 29 43.70 8.37 33.41
C ILE B 29 44.72 8.89 34.41
N GLY B 30 45.98 9.00 33.99
CA GLY B 30 47.03 9.43 34.91
C GLY B 30 46.74 10.77 35.57
N ILE B 31 46.27 11.76 34.79
CA ILE B 31 46.20 13.13 35.28
C ILE B 31 44.83 13.77 35.16
N ASN B 32 43.80 13.06 34.68
CA ASN B 32 42.49 13.69 34.44
C ASN B 32 41.38 13.00 35.23
N TYR B 33 40.19 13.61 35.22
CA TYR B 33 39.04 13.07 35.96
C TYR B 33 38.44 11.88 35.24
N VAL B 34 38.31 10.75 35.96
CA VAL B 34 37.67 9.56 35.40
C VAL B 34 36.20 9.53 35.81
N ALA B 35 35.34 9.25 34.85
CA ALA B 35 33.91 9.10 35.08
C ALA B 35 33.48 7.72 34.64
N TRP B 36 32.44 7.21 35.28
CA TRP B 36 31.88 5.90 34.97
C TRP B 36 30.40 6.07 34.67
N TYR B 37 29.96 5.45 33.59
CA TYR B 37 28.58 5.59 33.14
C TYR B 37 27.94 4.21 33.02
N GLN B 38 26.67 4.12 33.39
CA GLN B 38 25.85 2.94 33.19
C GLN B 38 24.87 3.20 32.05
N GLN B 39 24.73 2.24 31.13
CA GLN B 39 23.86 2.46 29.99
C GLN B 39 23.10 1.20 29.56
N VAL B 40 21.84 1.38 29.21
CA VAL B 40 21.13 0.48 28.30
C VAL B 40 21.37 0.95 26.86
N PRO B 41 21.77 0.06 25.94
CA PRO B 41 22.25 0.51 24.62
C PRO B 41 21.26 1.39 23.86
N GLY B 42 21.81 2.43 23.20
CA GLY B 42 21.06 3.39 22.42
C GLY B 42 20.32 4.48 23.19
N THR B 43 20.47 4.54 24.51
CA THR B 43 19.78 5.53 25.34
C THR B 43 20.81 6.25 26.21
N ALA B 44 20.39 7.34 26.86
CA ALA B 44 21.36 8.21 27.51
C ALA B 44 22.00 7.50 28.70
N PRO B 45 23.33 7.51 28.81
CA PRO B 45 23.97 6.86 29.95
C PRO B 45 23.80 7.68 31.23
N LYS B 46 23.91 6.97 32.35
CA LYS B 46 23.75 7.56 33.68
C LYS B 46 25.11 7.64 34.36
N LEU B 47 25.48 8.84 34.79
CA LEU B 47 26.72 9.06 35.54
C LEU B 47 26.67 8.36 36.90
N LEU B 48 27.62 7.44 37.13
CA LEU B 48 27.76 6.72 38.39
C LEU B 48 28.86 7.28 39.27
N ILE B 49 29.98 7.66 38.68
CA ILE B 49 31.16 8.13 39.39
C ILE B 49 31.74 9.28 38.59
N TYR B 50 32.16 10.35 39.27
CA TYR B 50 32.87 11.45 38.63
C TYR B 50 34.11 11.79 39.47
N ASP B 51 35.03 12.53 38.85
CA ASP B 51 36.28 12.93 39.51
C ASP B 51 37.01 11.72 40.11
N SER B 52 36.87 10.59 39.42
CA SER B 52 37.51 9.29 39.64
C SER B 52 36.98 8.53 40.85
N ASN B 53 36.49 9.23 41.87
CA ASN B 53 36.10 8.53 43.08
C ASN B 53 34.90 9.14 43.82
N LYS B 54 34.16 10.07 43.21
CA LYS B 54 33.02 10.71 43.85
C LYS B 54 31.73 10.16 43.29
N ARG B 55 30.76 9.97 44.13
CA ARG B 55 29.45 9.49 43.73
C ARG B 55 28.47 10.65 43.71
N PRO B 56 27.73 10.87 42.62
CA PRO B 56 26.70 11.90 42.65
C PRO B 56 25.53 11.48 43.54
N SER B 57 24.83 12.47 44.06
CA SER B 57 23.62 12.19 44.83
C SER B 57 22.64 11.39 43.99
N GLY B 58 21.97 10.44 44.62
CA GLY B 58 21.00 9.61 43.95
C GLY B 58 21.53 8.29 43.46
N VAL B 59 22.84 8.13 43.35
CA VAL B 59 23.45 6.86 42.95
C VAL B 59 23.64 5.98 44.18
N SER B 60 23.25 4.71 44.06
CA SER B 60 23.37 3.75 45.15
C SER B 60 24.80 3.70 45.68
N ASP B 61 24.94 3.62 47.02
CA ASP B 61 26.29 3.51 47.57
C ASP B 61 26.91 2.12 47.38
N ARG B 62 26.23 1.20 46.68
CA ARG B 62 26.91 -0.02 46.25
C ARG B 62 27.93 0.25 45.15
N PHE B 63 27.89 1.42 44.52
CA PHE B 63 28.81 1.80 43.45
C PHE B 63 29.91 2.67 44.04
N SER B 64 31.17 2.35 43.73
CA SER B 64 32.28 3.21 44.12
C SER B 64 33.32 3.18 43.01
N GLY B 65 34.21 4.17 43.01
CA GLY B 65 35.27 4.21 42.03
C GLY B 65 36.56 4.66 42.65
N SER B 66 37.65 4.33 41.98
CA SER B 66 38.99 4.75 42.36
C SER B 66 39.88 4.64 41.14
N LYS B 67 41.05 5.27 41.22
CA LYS B 67 42.06 5.13 40.20
C LYS B 67 43.41 5.11 40.88
N SER B 68 44.40 4.55 40.19
CA SER B 68 45.76 4.48 40.70
C SER B 68 46.70 4.39 39.50
N GLY B 69 47.64 5.31 39.40
CA GLY B 69 48.49 5.33 38.21
C GLY B 69 47.65 5.53 36.95
N ILE B 70 47.76 4.61 36.00
CA ILE B 70 47.10 4.78 34.71
C ILE B 70 45.86 3.90 34.60
N SER B 71 45.40 3.34 35.72
CA SER B 71 44.26 2.43 35.74
C SER B 71 43.19 2.95 36.67
N ALA B 72 41.94 2.69 36.31
CA ALA B 72 40.80 3.12 37.12
C ALA B 72 39.82 1.96 37.23
N SER B 73 39.06 1.93 38.32
CA SER B 73 38.17 0.80 38.56
C SER B 73 36.84 1.24 39.13
N LEU B 74 35.78 0.62 38.61
CA LEU B 74 34.44 0.71 39.18
C LEU B 74 34.17 -0.58 39.96
N ALA B 75 33.68 -0.44 41.20
CA ALA B 75 33.33 -1.61 42.02
C ALA B 75 31.85 -1.55 42.33
N ILE B 76 31.18 -2.69 42.16
CA ILE B 76 29.76 -2.85 42.44
C ILE B 76 29.64 -3.94 43.51
N THR B 77 29.23 -3.57 44.71
CA THR B 77 29.00 -4.59 45.74
C THR B 77 27.53 -5.02 45.72
N GLY B 78 27.28 -6.19 46.29
CA GLY B 78 25.92 -6.67 46.44
C GLY B 78 25.17 -6.76 45.13
N LEU B 79 25.80 -7.34 44.12
CA LEU B 79 25.30 -7.33 42.74
C LEU B 79 23.84 -7.76 42.66
N GLN B 80 23.03 -6.97 41.96
CA GLN B 80 21.63 -7.32 41.72
C GLN B 80 21.39 -7.55 40.23
N THR B 81 20.34 -8.31 39.92
CA THR B 81 20.04 -8.57 38.52
C THR B 81 19.73 -7.27 37.79
N GLY B 82 19.22 -6.26 38.50
CA GLY B 82 18.97 -4.96 37.90
C GLY B 82 20.22 -4.20 37.51
N ASP B 83 21.41 -4.67 37.90
CA ASP B 83 22.65 -4.03 37.52
C ASP B 83 23.15 -4.49 36.16
N GLU B 84 22.43 -5.40 35.49
CA GLU B 84 22.83 -5.80 34.14
C GLU B 84 22.71 -4.60 33.21
N ALA B 85 23.82 -4.24 32.57
CA ALA B 85 23.91 -3.04 31.74
C ALA B 85 25.31 -2.97 31.14
N ASP B 86 25.54 -1.97 30.30
CA ASP B 86 26.87 -1.71 29.76
C ASP B 86 27.51 -0.59 30.58
N TYR B 87 28.79 -0.74 30.90
CA TYR B 87 29.50 0.20 31.75
C TYR B 87 30.69 0.77 30.98
N TYR B 88 30.79 2.12 30.95
CA TYR B 88 31.81 2.84 30.19
C TYR B 88 32.65 3.71 31.13
N CYS B 89 33.97 3.63 31.02
CA CYS B 89 34.82 4.67 31.60
C CYS B 89 34.93 5.82 30.61
N GLY B 90 35.05 7.04 31.12
CA GLY B 90 35.28 8.21 30.27
C GLY B 90 36.33 9.14 30.87
N VAL B 91 37.23 9.70 30.05
CA VAL B 91 38.30 10.54 30.59
C VAL B 91 38.85 11.41 29.48
N TRP B 92 39.35 12.59 29.87
CA TRP B 92 40.06 13.47 28.95
C TRP B 92 41.47 12.94 28.71
N ASP B 93 41.92 13.01 27.47
CA ASP B 93 43.31 12.73 27.12
C ASP B 93 44.00 14.05 26.77
N THR B 94 44.90 14.49 27.64
CA THR B 94 45.58 15.76 27.44
C THR B 94 46.39 15.77 26.16
N SER B 95 47.04 14.64 25.81
CA SER B 95 47.90 14.63 24.64
C SER B 95 47.09 14.57 23.34
N LEU B 96 45.91 13.97 23.35
CA LEU B 96 45.07 13.98 22.17
C LEU B 96 44.14 15.19 22.12
N THR B 97 44.05 15.95 23.20
CA THR B 97 43.05 17.01 23.42
C THR B 97 41.67 16.54 22.98
N ALA B 98 41.23 15.43 23.58
CA ALA B 98 39.96 14.82 23.23
C ALA B 98 39.43 14.06 24.44
N TYR B 99 38.12 13.97 24.56
CA TYR B 99 37.49 13.11 25.55
C TYR B 99 37.31 11.71 24.97
N ILE B 100 37.62 10.68 25.77
CA ILE B 100 37.64 9.29 25.30
C ILE B 100 36.77 8.43 26.20
N PHE B 101 35.86 7.65 25.59
CA PHE B 101 35.18 6.57 26.29
C PHE B 101 35.90 5.25 26.07
N GLY B 102 35.94 4.41 27.09
CA GLY B 102 36.34 3.02 26.88
C GLY B 102 35.36 2.31 25.96
N ALA B 103 35.77 1.13 25.49
CA ALA B 103 34.90 0.39 24.57
C ALA B 103 33.64 -0.17 25.23
N GLY B 104 33.54 -0.14 26.56
CA GLY B 104 32.35 -0.66 27.22
C GLY B 104 32.51 -2.08 27.75
N THR B 105 31.92 -2.37 28.91
CA THR B 105 31.92 -3.70 29.53
C THR B 105 30.48 -4.10 29.76
N ARG B 106 30.06 -5.22 29.17
CA ARG B 106 28.70 -5.72 29.36
C ARG B 106 28.68 -6.63 30.60
N LEU B 107 27.84 -6.29 31.56
CA LEU B 107 27.78 -6.99 32.84
C LEU B 107 26.62 -7.99 32.81
N THR B 108 26.93 -9.26 33.03
CA THR B 108 25.93 -10.33 33.11
C THR B 108 25.87 -10.84 34.55
N VAL B 109 24.67 -11.00 35.06
CA VAL B 109 24.46 -11.57 36.39
C VAL B 109 24.14 -13.05 36.23
N LEU B 110 25.03 -13.89 36.77
CA LEU B 110 24.98 -15.34 36.63
C LEU B 110 23.79 -15.97 37.36
N GLY B 111 23.49 -17.23 37.01
CA GLY B 111 22.56 -18.06 37.74
C GLY B 111 21.17 -18.15 37.13
N GLN B 112 20.88 -17.32 36.16
CA GLN B 112 19.55 -17.28 35.56
C GLN B 112 19.34 -18.61 34.80
N PRO B 113 18.15 -19.21 34.87
CA PRO B 113 18.00 -20.58 34.35
C PRO B 113 18.08 -20.67 32.84
N LYS B 114 18.81 -21.67 32.35
CA LYS B 114 18.89 -21.92 30.92
C LYS B 114 17.51 -22.19 30.34
N ALA B 115 17.31 -21.77 29.08
CA ALA B 115 16.04 -21.96 28.40
C ALA B 115 16.32 -22.31 26.94
N ALA B 116 15.77 -23.45 26.47
CA ALA B 116 15.97 -23.85 25.08
C ALA B 116 15.08 -23.03 24.14
N PRO B 117 15.54 -22.79 22.91
CA PRO B 117 14.74 -21.96 21.99
C PRO B 117 13.53 -22.69 21.46
N SER B 118 12.43 -21.96 21.32
CA SER B 118 11.27 -22.42 20.58
C SER B 118 11.36 -21.91 19.14
N VAL B 119 11.18 -22.81 18.19
CA VAL B 119 11.47 -22.54 16.78
C VAL B 119 10.21 -22.75 15.96
N THR B 120 9.94 -21.80 15.08
CA THR B 120 8.82 -21.85 14.16
C THR B 120 9.34 -21.55 12.77
N LEU B 121 9.08 -22.43 11.82
CA LEU B 121 9.53 -22.26 10.44
C LEU B 121 8.33 -22.13 9.52
N PHE B 122 8.30 -21.05 8.74
CA PHE B 122 7.21 -20.81 7.81
C PHE B 122 7.68 -20.97 6.37
N PRO B 123 6.92 -21.68 5.54
CA PRO B 123 7.23 -21.76 4.12
C PRO B 123 6.76 -20.50 3.40
N PRO B 124 7.16 -20.29 2.15
CA PRO B 124 6.65 -19.13 1.42
C PRO B 124 5.13 -19.19 1.32
N SER B 125 4.51 -18.01 1.29
CA SER B 125 3.08 -17.90 1.04
C SER B 125 2.80 -18.06 -0.45
N SER B 126 1.57 -18.46 -0.76
CA SER B 126 1.17 -18.58 -2.16
C SER B 126 1.23 -17.23 -2.87
N GLU B 127 0.94 -16.14 -2.15
CA GLU B 127 0.99 -14.82 -2.76
C GLU B 127 2.42 -14.42 -3.11
N GLU B 128 3.39 -14.81 -2.29
CA GLU B 128 4.78 -14.48 -2.63
C GLU B 128 5.28 -15.35 -3.77
N LEU B 129 4.86 -16.62 -3.81
CA LEU B 129 5.27 -17.50 -4.89
C LEU B 129 4.71 -17.01 -6.23
N GLN B 130 3.50 -16.45 -6.22
CA GLN B 130 2.92 -15.91 -7.45
C GLN B 130 3.70 -14.72 -7.97
N ALA B 131 4.53 -14.10 -7.13
CA ALA B 131 5.49 -13.09 -7.57
C ALA B 131 6.85 -13.69 -7.92
N ASN B 132 6.95 -15.03 -7.98
CA ASN B 132 8.18 -15.74 -8.33
C ASN B 132 9.28 -15.52 -7.31
N LYS B 133 8.91 -15.28 -6.05
CA LYS B 133 9.85 -15.18 -4.95
C LYS B 133 9.43 -16.14 -3.85
N ALA B 134 10.37 -16.51 -3.01
CA ALA B 134 10.10 -17.46 -1.93
C ALA B 134 10.99 -17.15 -0.75
N THR B 135 10.39 -16.78 0.38
CA THR B 135 11.13 -16.43 1.59
C THR B 135 10.76 -17.39 2.72
N LEU B 136 11.72 -18.15 3.21
CA LEU B 136 11.53 -18.98 4.39
C LEU B 136 11.84 -18.17 5.64
N VAL B 137 10.96 -18.26 6.64
CA VAL B 137 11.03 -17.43 7.84
C VAL B 137 11.21 -18.33 9.05
N CYS B 138 12.36 -18.22 9.72
CA CYS B 138 12.63 -19.03 10.90
C CYS B 138 12.65 -18.11 12.11
N LEU B 139 11.68 -18.29 13.01
CA LEU B 139 11.50 -17.44 14.17
C LEU B 139 11.92 -18.21 15.42
N ILE B 140 12.77 -17.59 16.23
CA ILE B 140 13.41 -18.24 17.36
C ILE B 140 13.17 -17.39 18.61
N SER B 141 12.56 -17.98 19.63
CA SER B 141 12.21 -17.17 20.81
C SER B 141 12.45 -17.94 22.10
N ASP B 142 12.41 -17.19 23.20
CA ASP B 142 12.41 -17.71 24.56
C ASP B 142 13.63 -18.56 24.88
N PHE B 143 14.80 -18.15 24.40
CA PHE B 143 16.02 -18.84 24.79
C PHE B 143 16.86 -17.96 25.73
N TYR B 144 17.65 -18.62 26.58
CA TYR B 144 18.58 -17.98 27.54
C TYR B 144 19.67 -19.01 27.82
N PRO B 145 20.96 -18.63 27.77
CA PRO B 145 21.46 -17.27 27.49
C PRO B 145 21.27 -16.82 26.03
N GLY B 146 21.52 -15.54 25.77
CA GLY B 146 21.17 -14.92 24.50
C GLY B 146 22.14 -15.09 23.36
N ALA B 147 22.53 -16.31 23.05
CA ALA B 147 23.42 -16.58 21.93
C ALA B 147 22.95 -17.83 21.22
N VAL B 148 22.88 -17.78 19.89
CA VAL B 148 22.35 -18.88 19.11
C VAL B 148 23.12 -18.95 17.80
N GLU B 149 23.09 -20.12 17.17
CA GLU B 149 23.68 -20.30 15.86
C GLU B 149 22.62 -20.92 14.96
N VAL B 150 22.48 -20.38 13.75
CA VAL B 150 21.41 -20.75 12.84
C VAL B 150 22.03 -21.25 11.54
N ALA B 151 21.66 -22.47 11.14
CA ALA B 151 22.15 -23.07 9.91
C ALA B 151 20.96 -23.55 9.11
N TRP B 152 21.02 -23.37 7.80
CA TRP B 152 19.96 -23.77 6.89
C TRP B 152 20.43 -24.96 6.08
N LYS B 153 19.54 -25.93 5.88
CA LYS B 153 19.85 -27.10 5.06
C LYS B 153 18.76 -27.33 4.02
N ALA B 154 19.18 -27.61 2.79
CA ALA B 154 18.29 -28.03 1.71
C ALA B 154 18.64 -29.48 1.35
N ASP B 155 17.73 -30.40 1.66
CA ASP B 155 17.93 -31.83 1.43
C ASP B 155 19.24 -32.31 2.05
N GLY B 156 19.50 -31.87 3.28
CA GLY B 156 20.66 -32.30 4.03
C GLY B 156 21.96 -31.60 3.68
N SER B 157 21.97 -30.70 2.70
CA SER B 157 23.17 -29.97 2.32
C SER B 157 23.11 -28.55 2.85
N ALA B 158 24.30 -27.97 3.05
CA ALA B 158 24.40 -26.67 3.70
C ALA B 158 24.04 -25.56 2.73
N VAL B 159 23.04 -24.76 3.08
CA VAL B 159 22.68 -23.57 2.31
C VAL B 159 23.46 -22.40 2.89
N ASN B 160 24.26 -21.74 2.05
CA ASN B 160 24.98 -20.55 2.49
C ASN B 160 24.88 -19.41 1.47
N ALA B 161 23.90 -19.46 0.58
CA ALA B 161 23.50 -18.29 -0.20
C ALA B 161 22.10 -17.85 0.19
N GLY B 162 21.92 -16.55 0.35
CA GLY B 162 20.59 -16.00 0.55
C GLY B 162 20.07 -15.99 1.97
N VAL B 163 20.92 -16.19 2.98
CA VAL B 163 20.47 -16.19 4.37
C VAL B 163 20.88 -14.89 5.04
N GLU B 164 19.96 -14.33 5.82
CA GLU B 164 20.20 -13.16 6.64
C GLU B 164 19.65 -13.48 8.04
N THR B 165 20.46 -13.26 9.06
CA THR B 165 20.05 -13.60 10.42
C THR B 165 20.27 -12.41 11.34
N THR B 166 19.28 -12.13 12.18
CA THR B 166 19.41 -11.03 13.13
C THR B 166 20.27 -11.43 14.32
N LYS B 167 20.81 -10.42 14.98
CA LYS B 167 21.40 -10.61 16.30
C LYS B 167 20.31 -10.92 17.31
N PRO B 168 20.64 -11.63 18.39
CA PRO B 168 19.64 -11.82 19.44
C PRO B 168 19.29 -10.50 20.09
N SER B 169 18.02 -10.39 20.49
CA SER B 169 17.51 -9.22 21.16
C SER B 169 16.66 -9.71 22.30
N LYS B 170 16.55 -8.91 23.35
CA LYS B 170 16.00 -9.41 24.59
C LYS B 170 14.51 -9.08 24.70
N GLN B 171 13.73 -10.07 25.09
CA GLN B 171 12.28 -10.00 25.15
C GLN B 171 11.82 -9.38 26.47
N SER B 172 10.50 -9.24 26.60
CA SER B 172 9.92 -8.70 27.82
C SER B 172 10.08 -9.64 29.01
N ASN B 173 10.20 -10.94 28.78
CA ASN B 173 10.30 -11.92 29.85
C ASN B 173 11.74 -12.27 30.19
N ASN B 174 12.71 -11.45 29.76
CA ASN B 174 14.14 -11.56 30.02
C ASN B 174 14.79 -12.67 29.20
N LYS B 175 14.04 -13.40 28.38
CA LYS B 175 14.66 -14.33 27.45
C LYS B 175 14.98 -13.62 26.14
N TYR B 176 15.51 -14.36 25.17
CA TYR B 176 15.98 -13.76 23.92
C TYR B 176 15.22 -14.30 22.72
N ALA B 177 15.30 -13.53 21.64
CA ALA B 177 14.63 -13.82 20.37
C ALA B 177 15.57 -13.47 19.23
N ALA B 178 15.46 -14.24 18.15
CA ALA B 178 16.15 -13.97 16.90
C ALA B 178 15.29 -14.50 15.76
N SER B 179 15.62 -14.09 14.54
CA SER B 179 14.94 -14.59 13.36
C SER B 179 15.96 -14.75 12.23
N SER B 180 15.68 -15.69 11.34
CA SER B 180 16.55 -15.90 10.19
C SER B 180 15.68 -16.03 8.94
N TYR B 181 16.18 -15.50 7.83
CA TYR B 181 15.44 -15.44 6.58
C TYR B 181 16.27 -16.08 5.48
N LEU B 182 15.67 -17.01 4.76
CA LEU B 182 16.27 -17.59 3.56
C LEU B 182 15.46 -17.13 2.36
N SER B 183 16.03 -16.23 1.55
CA SER B 183 15.33 -15.63 0.40
C SER B 183 15.72 -16.37 -0.87
N LEU B 184 14.72 -16.95 -1.54
CA LEU B 184 14.91 -17.73 -2.76
C LEU B 184 14.00 -17.17 -3.85
N THR B 185 14.13 -17.74 -5.04
CA THR B 185 13.12 -17.60 -6.08
C THR B 185 12.15 -18.79 -6.05
N SER B 186 10.99 -18.58 -6.66
CA SER B 186 10.02 -19.64 -6.93
C SER B 186 10.68 -20.96 -7.31
N ASP B 187 11.59 -20.91 -8.28
CA ASP B 187 12.17 -22.13 -8.85
C ASP B 187 13.00 -22.89 -7.82
N GLN B 188 13.88 -22.18 -7.09
CA GLN B 188 14.69 -22.83 -6.07
C GLN B 188 13.83 -23.48 -5.00
N TRP B 189 12.81 -22.76 -4.53
CA TRP B 189 11.93 -23.31 -3.50
C TRP B 189 11.31 -24.62 -3.95
N LYS B 190 10.93 -24.70 -5.23
CA LYS B 190 10.35 -25.93 -5.77
C LYS B 190 11.39 -26.98 -6.15
N SER B 191 12.68 -26.60 -6.25
CA SER B 191 13.76 -27.51 -6.61
C SER B 191 14.16 -28.57 -5.59
N HIS B 192 13.56 -28.59 -4.40
CA HIS B 192 14.11 -29.40 -3.30
C HIS B 192 13.00 -30.13 -2.56
N LYS B 193 13.38 -31.28 -1.99
CA LYS B 193 12.45 -32.09 -1.19
C LYS B 193 12.07 -31.39 0.10
N SER B 194 13.07 -31.01 0.89
CA SER B 194 12.86 -30.44 2.22
C SER B 194 13.87 -29.32 2.46
N TYR B 195 13.48 -28.38 3.30
CA TYR B 195 14.33 -27.29 3.75
C TYR B 195 14.36 -27.30 5.26
N SER B 196 15.51 -27.03 5.84
CA SER B 196 15.61 -27.18 7.27
C SER B 196 16.20 -25.92 7.91
N CYS B 197 15.61 -25.48 9.03
CA CYS B 197 16.20 -24.44 9.87
C CYS B 197 16.76 -25.09 11.11
N GLN B 198 18.07 -24.96 11.33
CA GLN B 198 18.77 -25.64 12.40
C GLN B 198 19.28 -24.61 13.41
N VAL B 199 18.73 -24.65 14.61
CA VAL B 199 19.03 -23.67 15.66
C VAL B 199 19.83 -24.39 16.74
N THR B 200 21.10 -24.02 16.88
CA THR B 200 21.99 -24.58 17.89
C THR B 200 22.07 -23.64 19.08
N HIS B 201 21.89 -24.19 20.28
CA HIS B 201 21.85 -23.40 21.50
C HIS B 201 22.46 -24.16 22.66
N GLU B 202 23.40 -23.54 23.36
CA GLU B 202 23.98 -24.12 24.56
C GLU B 202 24.46 -25.54 24.27
N GLY B 203 25.13 -25.67 23.13
CA GLY B 203 25.63 -26.94 22.66
C GLY B 203 24.62 -27.85 21.98
N SER B 204 23.32 -27.63 22.16
CA SER B 204 22.35 -28.53 21.58
C SER B 204 21.48 -27.83 20.54
N THR B 205 20.88 -28.65 19.66
CA THR B 205 20.22 -28.19 18.45
C THR B 205 18.78 -28.67 18.31
N VAL B 206 17.90 -27.70 18.08
CA VAL B 206 16.59 -27.91 17.52
C VAL B 206 16.71 -27.40 16.07
N GLU B 207 16.38 -28.25 15.06
CA GLU B 207 16.25 -27.81 13.67
C GLU B 207 14.76 -27.87 13.37
N LYS B 208 14.34 -27.27 12.25
CA LYS B 208 12.94 -27.37 11.80
C LYS B 208 12.84 -27.61 10.27
N THR B 209 11.82 -28.39 9.81
CA THR B 209 11.69 -28.66 8.37
C THR B 209 10.36 -28.22 7.78
N VAL B 210 10.41 -27.88 6.49
CA VAL B 210 9.27 -27.43 5.70
C VAL B 210 9.42 -28.00 4.29
N ALA B 211 8.31 -28.41 3.68
CA ALA B 211 8.39 -29.07 2.38
C ALA B 211 7.36 -28.51 1.40
N PRO B 212 7.75 -28.28 0.15
CA PRO B 212 6.88 -27.81 -0.94
C PRO B 212 5.74 -28.79 -1.24
N ALA C 1 30.09 15.71 34.43
CA ALA C 1 31.44 15.18 34.17
C ALA C 1 31.78 15.10 32.68
N VAL C 2 30.81 14.74 31.85
CA VAL C 2 31.09 14.34 30.46
C VAL C 2 31.85 15.44 29.73
N GLY C 3 32.97 15.06 29.11
CA GLY C 3 33.74 15.95 28.27
C GLY C 3 34.82 16.75 28.97
N ILE C 4 34.82 16.80 30.30
CA ILE C 4 35.62 17.77 31.05
C ILE C 4 36.94 17.13 31.52
N GLY C 5 38.05 17.74 31.13
CA GLY C 5 39.36 17.34 31.60
C GLY C 5 39.91 18.23 32.69
N ALA C 6 41.01 17.79 33.29
CA ALA C 6 41.72 18.57 34.29
C ALA C 6 42.94 19.32 33.72
N VAL C 7 43.59 18.79 32.70
CA VAL C 7 44.89 19.30 32.22
C VAL C 7 44.80 19.51 30.72
N PHE C 8 45.06 20.74 30.29
CA PHE C 8 44.99 21.11 28.88
C PHE C 8 46.36 21.52 28.36
N VAL D 2 -26.57 -5.04 -45.16
CA VAL D 2 -27.35 -3.92 -44.64
C VAL D 2 -26.55 -3.18 -43.61
N GLN D 3 -26.54 -1.86 -43.71
CA GLN D 3 -25.87 -1.03 -42.73
C GLN D 3 -26.81 -0.04 -42.09
N LEU D 4 -26.61 0.16 -40.79
CA LEU D 4 -27.44 1.07 -40.02
C LEU D 4 -26.58 2.14 -39.37
N GLN D 5 -27.08 3.37 -39.33
CA GLN D 5 -26.41 4.49 -38.66
C GLN D 5 -27.44 5.29 -37.89
N GLU D 6 -27.31 5.31 -36.56
CA GLU D 6 -28.21 6.12 -35.75
C GLU D 6 -27.79 7.58 -35.80
N SER D 7 -28.74 8.46 -35.50
CA SER D 7 -28.40 9.82 -35.14
C SER D 7 -29.45 10.34 -34.17
N GLY D 8 -29.01 11.15 -33.21
CA GLY D 8 -29.88 11.70 -32.19
C GLY D 8 -29.11 12.62 -31.26
N PRO D 9 -29.80 13.25 -30.32
CA PRO D 9 -29.14 14.22 -29.43
C PRO D 9 -28.27 13.53 -28.39
N ALA D 10 -27.09 14.10 -28.16
CA ALA D 10 -26.24 13.60 -27.10
C ALA D 10 -26.79 13.95 -25.72
N VAL D 11 -27.43 15.11 -25.57
CA VAL D 11 -27.86 15.57 -24.27
C VAL D 11 -29.28 16.11 -24.38
N MET D 12 -30.11 15.79 -23.39
CA MET D 12 -31.49 16.23 -23.36
C MET D 12 -31.92 16.58 -21.95
N LYS D 13 -32.93 17.43 -21.87
CA LYS D 13 -33.52 17.83 -20.60
C LYS D 13 -34.71 16.93 -20.28
N PRO D 14 -34.97 16.68 -19.00
CA PRO D 14 -36.15 15.89 -18.65
C PRO D 14 -37.42 16.57 -19.16
N SER D 15 -38.44 15.74 -19.44
CA SER D 15 -39.76 16.05 -19.97
C SER D 15 -39.73 16.32 -21.47
N GLU D 16 -38.57 16.42 -22.11
CA GLU D 16 -38.53 16.61 -23.54
C GLU D 16 -38.81 15.28 -24.25
N THR D 17 -38.98 15.35 -25.57
CA THR D 17 -39.25 14.18 -26.40
C THR D 17 -37.96 13.80 -27.13
N LEU D 18 -37.52 12.57 -26.94
CA LEU D 18 -36.34 12.08 -27.63
C LEU D 18 -36.75 11.59 -29.00
N SER D 19 -35.98 11.97 -30.03
CA SER D 19 -36.31 11.57 -31.37
C SER D 19 -35.04 11.06 -32.03
N LEU D 20 -35.12 9.85 -32.56
CA LEU D 20 -33.96 9.17 -33.10
C LEU D 20 -34.29 8.71 -34.50
N THR D 21 -33.27 8.74 -35.34
CA THR D 21 -33.40 8.27 -36.71
C THR D 21 -32.31 7.29 -37.02
N CYS D 22 -32.62 6.34 -37.88
CA CYS D 22 -31.69 5.32 -38.32
C CYS D 22 -31.67 5.32 -39.84
N ALA D 23 -30.51 5.64 -40.41
CA ALA D 23 -30.35 5.58 -41.86
C ALA D 23 -30.02 4.16 -42.28
N VAL D 24 -30.79 3.63 -43.22
CA VAL D 24 -30.62 2.26 -43.68
C VAL D 24 -30.07 2.27 -45.10
N SER D 25 -29.03 1.50 -45.34
CA SER D 25 -28.41 1.39 -46.65
C SER D 25 -28.15 -0.09 -46.93
N GLY D 26 -28.19 -0.46 -48.21
CA GLY D 26 -27.89 -1.81 -48.63
C GLY D 26 -29.06 -2.77 -48.54
N GLY D 27 -30.22 -2.30 -48.09
CA GLY D 27 -31.47 -3.04 -48.21
C GLY D 27 -32.60 -2.03 -48.23
N SER D 28 -33.79 -2.50 -48.61
CA SER D 28 -34.95 -1.63 -48.73
C SER D 28 -35.70 -1.58 -47.41
N ILE D 29 -35.99 -0.36 -46.92
CA ILE D 29 -36.75 -0.21 -45.67
C ILE D 29 -38.09 -0.91 -45.74
N SER D 30 -38.69 -1.02 -46.94
CA SER D 30 -39.99 -1.67 -47.05
C SER D 30 -39.86 -3.07 -47.61
N GLY D 31 -38.66 -3.62 -47.59
CA GLY D 31 -38.47 -5.03 -47.84
C GLY D 31 -38.91 -5.86 -46.64
N ASP D 32 -38.69 -7.17 -46.77
CA ASP D 32 -39.19 -8.14 -45.79
C ASP D 32 -38.26 -8.22 -44.58
N TYR D 33 -38.25 -7.16 -43.79
CA TYR D 33 -37.40 -7.03 -42.62
C TYR D 33 -38.23 -6.61 -41.42
N GLY D 34 -37.69 -6.84 -40.23
CA GLY D 34 -38.14 -6.15 -39.03
C GLY D 34 -37.05 -5.20 -38.56
N TRP D 35 -37.44 -3.95 -38.33
CA TRP D 35 -36.54 -2.88 -37.90
C TRP D 35 -36.82 -2.52 -36.44
N SER D 36 -35.83 -2.73 -35.56
CA SER D 36 -36.02 -2.55 -34.12
C SER D 36 -35.20 -1.40 -33.57
N TRP D 37 -35.69 -0.79 -32.49
CA TRP D 37 -34.85 -0.01 -31.59
C TRP D 37 -34.62 -0.78 -30.30
N ILE D 38 -33.39 -0.66 -29.77
CA ILE D 38 -32.98 -1.31 -28.53
C ILE D 38 -32.14 -0.32 -27.76
N ARG D 39 -32.16 -0.40 -26.43
CA ARG D 39 -31.34 0.49 -25.64
C ARG D 39 -30.65 -0.28 -24.52
N GLN D 40 -29.59 0.32 -23.99
CA GLN D 40 -28.86 -0.27 -22.87
C GLN D 40 -28.39 0.85 -21.97
N ALA D 41 -28.96 0.93 -20.77
CA ALA D 41 -28.51 1.90 -19.80
C ALA D 41 -27.13 1.48 -19.28
N PRO D 42 -26.27 2.43 -18.93
CA PRO D 42 -24.88 2.09 -18.60
C PRO D 42 -24.82 1.03 -17.50
N GLY D 43 -24.05 -0.02 -17.76
CA GLY D 43 -23.94 -1.10 -16.79
C GLY D 43 -25.16 -1.98 -16.64
N LYS D 44 -26.11 -1.92 -17.56
CA LYS D 44 -27.34 -2.72 -17.44
C LYS D 44 -27.55 -3.57 -18.70
N GLY D 45 -28.68 -4.27 -18.73
CA GLY D 45 -28.94 -5.21 -19.80
C GLY D 45 -29.54 -4.56 -21.04
N LEU D 46 -29.57 -5.35 -22.12
CA LEU D 46 -30.22 -4.93 -23.35
C LEU D 46 -31.74 -4.87 -23.15
N GLU D 47 -32.39 -3.84 -23.68
CA GLU D 47 -33.84 -3.70 -23.54
C GLU D 47 -34.44 -3.38 -24.90
N TRP D 48 -35.15 -4.33 -25.48
CA TRP D 48 -35.82 -4.11 -26.76
C TRP D 48 -36.97 -3.11 -26.56
N ILE D 49 -37.15 -2.19 -27.51
CA ILE D 49 -38.10 -1.10 -27.36
C ILE D 49 -39.34 -1.31 -28.24
N ALA D 50 -39.12 -1.57 -29.53
CA ALA D 50 -40.20 -1.59 -30.52
C ALA D 50 -39.65 -2.16 -31.82
N ILE D 51 -40.57 -2.61 -32.67
CA ILE D 51 -40.22 -3.03 -34.02
C ILE D 51 -41.27 -2.50 -35.00
N ILE D 52 -40.83 -2.27 -36.24
CA ILE D 52 -41.75 -2.00 -37.36
C ILE D 52 -41.33 -2.91 -38.51
N PHE D 53 -42.31 -3.59 -39.09
CA PHE D 53 -42.05 -4.49 -40.20
C PHE D 53 -42.14 -3.74 -41.52
N GLY D 54 -41.16 -3.96 -42.39
CA GLY D 54 -41.08 -3.19 -43.61
C GLY D 54 -42.21 -3.47 -44.58
N SER D 55 -42.61 -4.74 -44.69
CA SER D 55 -43.61 -5.14 -45.68
C SER D 55 -45.00 -4.62 -45.33
N SER D 56 -45.43 -4.86 -44.10
CA SER D 56 -46.78 -4.52 -43.66
C SER D 56 -46.88 -3.16 -42.99
N GLY D 57 -45.82 -2.65 -42.40
CA GLY D 57 -45.97 -1.50 -41.53
C GLY D 57 -46.50 -1.82 -40.14
N SER D 58 -46.69 -3.10 -39.79
CA SER D 58 -47.13 -3.42 -38.44
C SER D 58 -46.07 -3.05 -37.41
N THR D 59 -46.52 -2.61 -36.23
CA THR D 59 -45.62 -2.19 -35.17
C THR D 59 -45.97 -2.91 -33.86
N TYR D 60 -44.93 -3.21 -33.09
CA TYR D 60 -45.06 -3.83 -31.77
C TYR D 60 -44.07 -3.18 -30.80
N TYR D 61 -44.41 -3.23 -29.51
CA TYR D 61 -43.76 -2.39 -28.49
C TYR D 61 -43.54 -3.18 -27.21
N SER D 62 -42.39 -2.94 -26.58
CA SER D 62 -42.20 -3.20 -25.16
C SER D 62 -43.44 -2.82 -24.36
N PRO D 63 -44.04 -3.74 -23.61
CA PRO D 63 -45.20 -3.35 -22.77
C PRO D 63 -44.91 -2.21 -21.81
N SER D 64 -43.72 -2.15 -21.21
CA SER D 64 -43.46 -1.09 -20.25
C SER D 64 -43.12 0.24 -20.91
N LEU D 65 -42.85 0.26 -22.20
CA LEU D 65 -42.55 1.51 -22.89
C LEU D 65 -43.65 1.93 -23.85
N LYS D 66 -44.61 1.05 -24.13
CA LYS D 66 -45.59 1.25 -25.20
C LYS D 66 -46.28 2.61 -25.10
N SER D 67 -46.59 3.04 -23.87
CA SER D 67 -47.39 4.22 -23.66
C SER D 67 -46.64 5.51 -23.97
N ARG D 68 -45.31 5.45 -24.16
CA ARG D 68 -44.51 6.64 -24.42
C ARG D 68 -43.75 6.59 -25.73
N VAL D 69 -43.90 5.53 -26.54
CA VAL D 69 -43.03 5.30 -27.69
C VAL D 69 -43.81 5.35 -28.99
N THR D 70 -43.19 5.91 -30.04
CA THR D 70 -43.64 5.88 -31.42
C THR D 70 -42.53 5.31 -32.29
N ILE D 71 -42.84 4.35 -33.17
CA ILE D 71 -41.88 3.85 -34.16
C ILE D 71 -42.48 4.02 -35.56
N SER D 72 -41.65 4.52 -36.49
CA SER D 72 -42.08 4.95 -37.81
C SER D 72 -41.04 4.57 -38.84
N LYS D 73 -41.45 4.54 -40.12
CA LYS D 73 -40.50 4.34 -41.21
C LYS D 73 -40.83 5.30 -42.34
N ASP D 74 -39.81 5.61 -43.16
CA ASP D 74 -39.94 6.56 -44.26
C ASP D 74 -39.32 5.91 -45.49
N THR D 75 -40.17 5.54 -46.45
CA THR D 75 -39.69 4.79 -47.61
C THR D 75 -38.83 5.66 -48.54
N SER D 76 -39.19 6.94 -48.70
CA SER D 76 -38.42 7.77 -49.62
C SER D 76 -37.00 8.01 -49.10
N LYS D 77 -36.82 8.06 -47.79
CA LYS D 77 -35.53 8.29 -47.19
C LYS D 77 -34.79 7.00 -46.82
N ASN D 78 -35.45 5.85 -46.96
CA ASN D 78 -34.95 4.55 -46.48
C ASN D 78 -34.41 4.68 -45.06
N GLN D 79 -35.31 5.04 -44.15
CA GLN D 79 -34.95 5.17 -42.75
C GLN D 79 -36.11 4.74 -41.86
N PHE D 80 -35.81 4.53 -40.58
CA PHE D 80 -36.86 4.38 -39.60
C PHE D 80 -36.44 5.16 -38.36
N SER D 81 -37.38 5.38 -37.48
CA SER D 81 -37.17 6.37 -36.43
C SER D 81 -37.94 5.99 -35.19
N LEU D 82 -37.60 6.67 -34.10
CA LEU D 82 -38.17 6.41 -32.78
C LEU D 82 -38.50 7.74 -32.14
N LYS D 83 -39.64 7.81 -31.44
CA LYS D 83 -39.92 8.92 -30.55
C LYS D 83 -40.26 8.38 -29.16
N LEU D 84 -39.67 8.99 -28.13
CA LEU D 84 -39.88 8.60 -26.75
C LEU D 84 -40.24 9.86 -25.97
N ASN D 85 -41.42 9.87 -25.35
CA ASN D 85 -41.94 11.08 -24.73
C ASN D 85 -41.52 11.17 -23.27
N SER D 86 -41.49 12.42 -22.78
CA SER D 86 -41.42 12.69 -21.34
C SER D 86 -40.22 12.02 -20.68
N VAL D 87 -39.04 12.22 -21.27
CA VAL D 87 -37.87 11.47 -20.80
C VAL D 87 -37.52 11.91 -19.37
N THR D 88 -36.86 11.00 -18.67
CA THR D 88 -36.23 11.29 -17.39
C THR D 88 -34.81 10.73 -17.42
N ALA D 89 -34.08 10.93 -16.34
CA ALA D 89 -32.74 10.36 -16.22
C ALA D 89 -32.76 8.86 -16.42
N ALA D 90 -33.86 8.20 -16.07
CA ALA D 90 -34.00 6.76 -16.29
C ALA D 90 -33.90 6.37 -17.76
N ASP D 91 -34.02 7.32 -18.68
CA ASP D 91 -33.91 7.03 -20.11
C ASP D 91 -32.50 7.27 -20.66
N THR D 92 -31.57 7.72 -19.82
CA THR D 92 -30.18 7.78 -20.25
C THR D 92 -29.70 6.38 -20.64
N ALA D 93 -29.19 6.24 -21.87
CA ALA D 93 -28.85 4.91 -22.37
C ALA D 93 -28.14 5.07 -23.69
N VAL D 94 -27.50 3.99 -24.14
CA VAL D 94 -27.07 3.84 -25.52
C VAL D 94 -28.23 3.23 -26.30
N TYR D 95 -28.68 3.91 -27.36
CA TYR D 95 -29.79 3.47 -28.19
C TYR D 95 -29.23 2.89 -29.49
N PHE D 96 -29.62 1.66 -29.80
CA PHE D 96 -29.18 0.99 -31.03
C PHE D 96 -30.37 0.86 -31.97
N CYS D 97 -30.19 1.17 -33.26
CA CYS D 97 -31.10 0.64 -34.27
C CYS D 97 -30.62 -0.74 -34.72
N ALA D 98 -31.55 -1.65 -34.95
CA ALA D 98 -31.21 -2.97 -35.42
C ALA D 98 -32.23 -3.46 -36.43
N GLY D 99 -31.89 -4.53 -37.15
CA GLY D 99 -32.81 -5.06 -38.13
C GLY D 99 -32.48 -6.50 -38.41
N SER D 100 -33.46 -7.21 -38.98
CA SER D 100 -33.27 -8.61 -39.32
C SER D 100 -34.21 -8.92 -40.48
N PRO D 101 -33.77 -9.71 -41.46
CA PRO D 101 -34.74 -10.29 -42.40
C PRO D 101 -35.74 -11.14 -41.64
N VAL D 102 -36.97 -11.16 -42.14
CA VAL D 102 -38.02 -11.92 -41.49
C VAL D 102 -37.76 -13.42 -41.61
N ARG D 103 -37.26 -13.86 -42.78
CA ARG D 103 -37.03 -15.27 -43.01
C ARG D 103 -35.58 -15.69 -42.91
N GLN D 104 -34.64 -14.88 -43.41
CA GLN D 104 -33.21 -15.22 -43.34
C GLN D 104 -32.61 -14.70 -42.03
N ARG D 105 -33.00 -15.36 -40.95
CA ARG D 105 -32.67 -14.86 -39.61
C ARG D 105 -31.19 -15.09 -39.24
N GLU D 106 -30.40 -15.76 -40.08
CA GLU D 106 -28.95 -15.80 -39.83
C GLU D 106 -28.30 -14.43 -39.99
N GLN D 107 -28.96 -13.50 -40.68
CA GLN D 107 -28.48 -12.14 -40.83
C GLN D 107 -29.01 -11.27 -39.69
N ASP D 108 -28.15 -10.36 -39.21
CA ASP D 108 -28.42 -9.60 -37.99
C ASP D 108 -27.69 -8.27 -38.17
N TYR D 109 -28.42 -7.17 -38.26
CA TYR D 109 -27.78 -5.87 -38.48
C TYR D 109 -27.93 -5.00 -37.24
N TRP D 110 -26.84 -4.32 -36.84
CA TRP D 110 -26.86 -3.39 -35.72
C TRP D 110 -26.12 -2.11 -36.09
N GLY D 111 -26.66 -0.98 -35.68
CA GLY D 111 -25.89 0.24 -35.68
C GLY D 111 -24.86 0.19 -34.56
N GLN D 112 -24.01 1.19 -34.51
CA GLN D 112 -23.00 1.21 -33.47
C GLN D 112 -23.52 1.83 -32.19
N GLY D 113 -24.70 2.45 -32.22
CA GLY D 113 -25.30 2.97 -31.01
C GLY D 113 -25.00 4.43 -30.77
N VAL D 114 -25.96 5.18 -30.22
CA VAL D 114 -25.74 6.57 -29.87
C VAL D 114 -26.08 6.76 -28.40
N LEU D 115 -25.16 7.35 -27.65
CA LEU D 115 -25.41 7.65 -26.25
C LEU D 115 -26.33 8.86 -26.13
N VAL D 116 -27.41 8.72 -25.38
CA VAL D 116 -28.31 9.82 -25.07
C VAL D 116 -28.30 10.01 -23.56
N THR D 117 -27.87 11.19 -23.13
CA THR D 117 -27.82 11.53 -21.69
C THR D 117 -28.94 12.50 -21.40
N VAL D 118 -29.76 12.17 -20.41
CA VAL D 118 -30.89 13.01 -20.00
C VAL D 118 -30.55 13.61 -18.64
N SER D 119 -30.47 14.94 -18.60
CA SER D 119 -30.06 15.63 -17.39
C SER D 119 -30.62 17.06 -17.40
N SER D 120 -30.99 17.55 -16.22
CA SER D 120 -31.36 18.96 -16.08
C SER D 120 -30.15 19.90 -16.09
N ALA D 121 -28.94 19.38 -15.95
CA ALA D 121 -27.77 20.24 -15.84
C ALA D 121 -27.54 21.06 -17.09
N SER D 122 -26.95 22.23 -16.90
CA SER D 122 -26.53 23.06 -18.03
C SER D 122 -25.04 22.88 -18.26
N THR D 123 -24.63 23.14 -19.51
CA THR D 123 -23.23 23.02 -19.88
C THR D 123 -22.34 23.86 -18.97
N LYS D 124 -21.21 23.28 -18.56
CA LYS D 124 -20.27 23.97 -17.68
C LYS D 124 -18.87 23.44 -17.91
N GLY D 125 -17.92 24.36 -18.09
CA GLY D 125 -16.53 23.99 -18.21
C GLY D 125 -15.97 23.63 -16.85
N PRO D 126 -14.90 22.84 -16.83
CA PRO D 126 -14.34 22.40 -15.54
C PRO D 126 -13.34 23.40 -14.98
N SER D 127 -13.18 23.33 -13.66
CA SER D 127 -12.03 23.92 -13.00
C SER D 127 -10.95 22.85 -12.88
N VAL D 128 -9.71 23.23 -13.18
CA VAL D 128 -8.59 22.31 -13.19
C VAL D 128 -7.68 22.66 -12.03
N PHE D 129 -7.40 21.68 -11.17
CA PHE D 129 -6.56 21.86 -10.01
C PHE D 129 -5.36 20.94 -10.05
N PRO D 130 -4.16 21.42 -9.76
CA PRO D 130 -2.99 20.53 -9.77
C PRO D 130 -3.01 19.63 -8.54
N LEU D 131 -2.59 18.40 -8.74
CA LEU D 131 -2.45 17.43 -7.66
C LEU D 131 -0.95 17.27 -7.46
N ALA D 132 -0.42 17.94 -6.45
CA ALA D 132 1.02 17.89 -6.30
C ALA D 132 1.41 16.75 -5.36
N PRO D 133 2.52 16.07 -5.62
CA PRO D 133 2.94 14.99 -4.73
C PRO D 133 3.37 15.55 -3.39
N SER D 134 3.20 14.73 -2.35
CA SER D 134 3.69 15.13 -1.03
C SER D 134 5.13 14.70 -0.85
N SER D 135 5.75 15.22 0.21
CA SER D 135 7.18 15.08 0.44
C SER D 135 7.57 13.72 1.00
N ARG D 136 6.60 12.98 1.55
CA ARG D 136 6.82 11.55 1.80
C ARG D 136 6.87 10.78 0.49
N SER D 137 5.94 11.08 -0.43
CA SER D 137 5.97 10.48 -1.77
C SER D 137 7.22 10.88 -2.55
N THR D 138 7.71 12.11 -2.37
CA THR D 138 8.92 12.52 -3.10
C THR D 138 10.16 11.79 -2.60
N SER D 139 10.15 11.34 -1.34
CA SER D 139 11.27 10.56 -0.84
C SER D 139 11.34 9.17 -1.45
N GLU D 140 10.26 8.70 -2.09
CA GLU D 140 10.29 7.43 -2.80
C GLU D 140 11.06 7.58 -4.11
N SER D 141 11.26 6.46 -4.81
CA SER D 141 11.98 6.51 -6.08
C SER D 141 11.14 7.17 -7.18
N THR D 142 9.83 6.98 -7.16
CA THR D 142 8.93 7.60 -8.12
C THR D 142 7.84 8.35 -7.37
N ALA D 143 7.22 9.32 -8.03
CA ALA D 143 6.18 10.12 -7.43
C ALA D 143 5.03 10.30 -8.41
N ALA D 144 3.82 10.33 -7.87
CA ALA D 144 2.61 10.54 -8.65
C ALA D 144 2.20 12.01 -8.58
N LEU D 145 2.08 12.65 -9.73
CA LEU D 145 1.51 13.98 -9.82
C LEU D 145 0.33 13.95 -10.78
N GLY D 146 -0.67 14.78 -10.52
CA GLY D 146 -1.87 14.75 -11.34
C GLY D 146 -2.59 16.07 -11.50
N CYS D 147 -3.77 16.03 -12.13
CA CYS D 147 -4.64 17.20 -12.11
C CYS D 147 -6.08 16.73 -12.01
N LEU D 148 -6.80 17.34 -11.08
CA LEU D 148 -8.22 17.11 -10.89
C LEU D 148 -9.02 18.02 -11.81
N VAL D 149 -9.94 17.43 -12.56
CA VAL D 149 -10.82 18.14 -13.49
C VAL D 149 -12.20 18.14 -12.84
N LYS D 150 -12.58 19.25 -12.22
CA LYS D 150 -13.70 19.27 -11.30
C LYS D 150 -14.91 19.98 -11.89
N ASP D 151 -16.09 19.37 -11.70
CA ASP D 151 -17.40 20.01 -11.89
C ASP D 151 -17.60 20.53 -13.31
N TYR D 152 -17.72 19.58 -14.25
CA TYR D 152 -18.05 19.92 -15.63
C TYR D 152 -19.27 19.12 -16.10
N PHE D 153 -19.87 19.61 -17.20
CA PHE D 153 -21.00 18.96 -17.86
C PHE D 153 -21.12 19.47 -19.28
N PRO D 154 -21.42 18.62 -20.26
CA PRO D 154 -21.52 17.16 -20.14
C PRO D 154 -20.20 16.44 -20.40
N GLU D 155 -20.22 15.11 -20.45
CA GLU D 155 -19.07 14.39 -20.97
C GLU D 155 -18.89 14.72 -22.44
N PRO D 156 -17.68 14.52 -23.01
CA PRO D 156 -16.42 14.04 -22.47
C PRO D 156 -15.36 15.13 -22.24
N VAL D 157 -14.33 14.77 -21.48
CA VAL D 157 -13.11 15.56 -21.34
C VAL D 157 -11.96 14.66 -21.76
N THR D 158 -10.95 15.23 -22.42
CA THR D 158 -9.71 14.53 -22.70
C THR D 158 -8.56 15.17 -21.93
N VAL D 159 -7.64 14.36 -21.43
CA VAL D 159 -6.47 14.87 -20.75
C VAL D 159 -5.24 14.32 -21.44
N SER D 160 -4.25 15.18 -21.63
CA SER D 160 -2.92 14.77 -22.07
C SER D 160 -1.91 15.47 -21.18
N TRP D 161 -0.64 15.12 -21.34
CA TRP D 161 0.41 15.66 -20.50
C TRP D 161 1.55 16.14 -21.39
N ASN D 162 2.06 17.33 -21.10
CA ASN D 162 3.12 17.98 -21.87
C ASN D 162 2.83 17.93 -23.37
N SER D 163 1.60 18.29 -23.73
CA SER D 163 1.13 18.31 -25.12
C SER D 163 1.29 16.94 -25.78
N GLY D 164 1.01 15.87 -25.03
CA GLY D 164 1.10 14.53 -25.54
C GLY D 164 2.50 13.96 -25.63
N SER D 165 3.53 14.75 -25.33
CA SER D 165 4.89 14.23 -25.35
C SER D 165 5.19 13.28 -24.19
N LEU D 166 4.37 13.29 -23.14
CA LEU D 166 4.55 12.41 -21.99
C LEU D 166 3.41 11.42 -21.96
N THR D 167 3.72 10.14 -22.20
CA THR D 167 2.71 9.09 -22.27
C THR D 167 2.92 7.94 -21.29
N SER D 168 4.15 7.68 -20.87
CA SER D 168 4.41 6.54 -20.00
C SER D 168 4.01 6.87 -18.57
N GLY D 169 3.31 5.93 -17.93
CA GLY D 169 2.88 6.12 -16.57
C GLY D 169 1.68 7.03 -16.40
N VAL D 170 1.04 7.41 -17.50
CA VAL D 170 -0.15 8.25 -17.43
C VAL D 170 -1.35 7.35 -17.21
N HIS D 171 -2.19 7.70 -16.22
CA HIS D 171 -3.43 6.99 -15.98
C HIS D 171 -4.53 8.02 -15.79
N THR D 172 -5.46 8.08 -16.74
CA THR D 172 -6.59 8.99 -16.67
C THR D 172 -7.82 8.21 -16.27
N PHE D 173 -8.48 8.65 -15.21
CA PHE D 173 -9.54 7.83 -14.64
C PHE D 173 -10.92 8.22 -15.17
N PRO D 174 -11.79 7.23 -15.38
CA PRO D 174 -13.20 7.53 -15.70
C PRO D 174 -13.81 8.46 -14.66
N ALA D 175 -14.76 9.28 -15.12
CA ALA D 175 -15.35 10.31 -14.30
C ALA D 175 -16.32 9.75 -13.26
N VAL D 176 -16.46 10.48 -12.17
CA VAL D 176 -17.58 10.29 -11.24
C VAL D 176 -18.67 11.28 -11.64
N LEU D 177 -19.93 10.88 -11.46
CA LEU D 177 -21.05 11.80 -11.56
C LEU D 177 -21.54 12.08 -10.14
N GLN D 178 -21.59 13.35 -9.77
CA GLN D 178 -21.95 13.73 -8.41
C GLN D 178 -23.42 14.15 -8.35
N SER D 179 -23.96 14.17 -7.12
CA SER D 179 -25.37 14.52 -6.89
C SER D 179 -25.77 15.85 -7.50
N SER D 180 -24.82 16.75 -7.75
CA SER D 180 -25.08 18.02 -8.39
C SER D 180 -25.40 17.88 -9.87
N GLY D 181 -25.19 16.71 -10.46
CA GLY D 181 -25.33 16.54 -11.89
C GLY D 181 -24.06 16.77 -12.67
N LEU D 182 -22.99 17.19 -12.00
CA LEU D 182 -21.72 17.52 -12.64
C LEU D 182 -20.71 16.40 -12.46
N TYR D 183 -19.83 16.26 -13.44
CA TYR D 183 -18.78 15.24 -13.43
C TYR D 183 -17.49 15.80 -12.88
N SER D 184 -16.65 14.91 -12.35
CA SER D 184 -15.24 15.20 -12.15
C SER D 184 -14.44 13.96 -12.51
N LEU D 185 -13.17 14.18 -12.87
CA LEU D 185 -12.26 13.08 -13.16
C LEU D 185 -10.86 13.53 -12.79
N SER D 186 -9.95 12.57 -12.72
CA SER D 186 -8.56 12.84 -12.42
C SER D 186 -7.67 12.12 -13.42
N SER D 187 -6.52 12.72 -13.65
CA SER D 187 -5.46 12.12 -14.44
C SER D 187 -4.20 12.18 -13.60
N VAL D 188 -3.46 11.08 -13.57
CA VAL D 188 -2.25 11.00 -12.78
C VAL D 188 -1.12 10.48 -13.66
N VAL D 189 0.08 10.95 -13.38
CA VAL D 189 1.29 10.48 -14.07
C VAL D 189 2.35 10.23 -13.00
N THR D 190 2.94 9.05 -13.04
CA THR D 190 4.00 8.69 -12.11
C THR D 190 5.34 8.91 -12.79
N VAL D 191 6.23 9.64 -12.14
CA VAL D 191 7.48 10.05 -12.77
C VAL D 191 8.64 9.79 -11.81
N PRO D 192 9.85 9.70 -12.36
CA PRO D 192 11.05 9.54 -11.50
C PRO D 192 11.19 10.73 -10.57
N SER D 193 11.50 10.41 -9.33
CA SER D 193 11.42 11.40 -8.27
C SER D 193 12.54 12.43 -8.42
N SER D 194 13.65 12.06 -9.09
CA SER D 194 14.73 12.98 -9.42
C SER D 194 14.33 14.04 -10.44
N SER D 195 13.42 13.70 -11.35
CA SER D 195 13.02 14.61 -12.42
C SER D 195 12.24 15.82 -11.94
N LEU D 196 11.81 15.84 -10.67
CA LEU D 196 10.81 16.80 -10.23
C LEU D 196 11.33 18.23 -10.15
N GLY D 197 12.64 18.43 -10.11
CA GLY D 197 13.17 19.78 -10.13
C GLY D 197 13.58 20.25 -11.51
N THR D 198 13.91 19.31 -12.40
CA THR D 198 14.41 19.62 -13.72
C THR D 198 13.34 19.60 -14.81
N GLN D 199 12.23 18.89 -14.61
CA GLN D 199 11.24 18.70 -15.66
C GLN D 199 9.96 19.44 -15.33
N THR D 200 9.43 20.11 -16.34
CA THR D 200 8.13 20.79 -16.30
C THR D 200 7.01 19.80 -16.59
N TYR D 201 5.97 19.80 -15.76
CA TYR D 201 4.82 18.93 -15.95
C TYR D 201 3.56 19.77 -16.09
N VAL D 202 2.88 19.62 -17.24
CA VAL D 202 1.69 20.38 -17.60
C VAL D 202 0.62 19.40 -18.05
N CYS D 203 -0.58 19.48 -17.46
CA CYS D 203 -1.71 18.71 -17.98
C CYS D 203 -2.61 19.58 -18.86
N ASN D 204 -2.88 19.07 -20.07
CA ASN D 204 -3.72 19.74 -21.06
C ASN D 204 -5.13 19.16 -21.00
N VAL D 205 -6.09 19.94 -20.47
CA VAL D 205 -7.47 19.51 -20.29
C VAL D 205 -8.31 20.17 -21.37
N ASN D 206 -9.04 19.37 -22.16
CA ASN D 206 -9.93 19.90 -23.19
C ASN D 206 -11.36 19.45 -22.95
N HIS D 207 -12.26 20.41 -22.82
CA HIS D 207 -13.69 20.14 -22.68
C HIS D 207 -14.40 20.80 -23.86
N LYS D 208 -14.51 20.08 -24.98
CA LYS D 208 -15.09 20.70 -26.16
C LYS D 208 -16.57 21.08 -26.02
N PRO D 209 -17.39 20.45 -25.17
CA PRO D 209 -18.74 20.96 -24.97
C PRO D 209 -18.83 22.38 -24.38
N SER D 210 -17.81 22.88 -23.69
CA SER D 210 -17.86 24.21 -23.11
C SER D 210 -16.86 25.17 -23.74
N ASN D 211 -16.18 24.73 -24.79
CA ASN D 211 -15.11 25.48 -25.43
C ASN D 211 -13.97 25.78 -24.45
N THR D 212 -13.72 24.86 -23.51
CA THR D 212 -12.72 25.09 -22.46
C THR D 212 -11.56 24.13 -22.65
N LYS D 213 -10.35 24.67 -22.59
CA LYS D 213 -9.08 23.98 -22.76
C LYS D 213 -8.05 24.72 -21.91
N VAL D 214 -7.54 24.02 -20.90
CA VAL D 214 -6.66 24.60 -19.89
C VAL D 214 -5.38 23.79 -19.89
N ASP D 215 -4.26 24.47 -19.88
CA ASP D 215 -2.96 23.83 -19.72
C ASP D 215 -2.49 24.24 -18.33
N LYS D 216 -2.60 23.32 -17.38
CA LYS D 216 -2.32 23.61 -15.99
C LYS D 216 -0.93 23.10 -15.65
N ARG D 217 -0.08 24.00 -15.19
CA ARG D 217 1.22 23.61 -14.70
C ARG D 217 1.13 23.02 -13.30
N VAL D 218 1.79 21.89 -13.10
CA VAL D 218 1.81 21.18 -11.82
C VAL D 218 3.18 21.42 -11.18
N GLU D 219 3.24 22.31 -10.17
CA GLU D 219 4.48 22.66 -9.47
C GLU D 219 4.57 21.97 -8.11
N ILE D 220 5.69 22.25 -7.43
CA ILE D 220 6.07 21.73 -6.11
C ILE D 220 5.87 20.23 -6.07
N VAL E 3 -41.22 -12.75 -18.77
CA VAL E 3 -39.81 -12.50 -18.47
C VAL E 3 -38.97 -13.79 -18.62
N LEU E 4 -37.74 -13.62 -19.07
CA LEU E 4 -36.79 -14.70 -19.16
C LEU E 4 -35.77 -14.57 -18.04
N THR E 5 -35.47 -15.68 -17.40
CA THR E 5 -34.47 -15.69 -16.35
C THR E 5 -33.24 -16.41 -16.82
N GLN E 6 -32.09 -15.74 -16.71
CA GLN E 6 -30.80 -16.40 -16.86
C GLN E 6 -29.94 -16.00 -15.68
N PRO E 7 -28.98 -16.85 -15.30
CA PRO E 7 -28.11 -16.54 -14.16
C PRO E 7 -27.31 -15.28 -14.42
N PRO E 8 -27.09 -14.46 -13.38
CA PRO E 8 -26.32 -13.22 -13.60
C PRO E 8 -24.87 -13.45 -13.94
N SER E 9 -24.28 -14.58 -13.55
CA SER E 9 -22.87 -14.85 -13.78
C SER E 9 -22.65 -16.35 -13.88
N VAL E 10 -21.62 -16.72 -14.64
CA VAL E 10 -21.15 -18.10 -14.75
C VAL E 10 -19.62 -18.01 -14.85
N SER E 11 -18.94 -19.04 -14.35
CA SER E 11 -17.49 -19.02 -14.40
C SER E 11 -16.98 -20.44 -14.59
N ALA E 12 -15.85 -20.57 -15.28
CA ALA E 12 -15.21 -21.87 -15.44
C ALA E 12 -13.74 -21.67 -15.79
N ALA E 13 -12.98 -22.76 -15.67
CA ALA E 13 -11.56 -22.74 -16.02
C ALA E 13 -11.40 -22.86 -17.53
N PRO E 14 -10.29 -22.36 -18.08
CA PRO E 14 -10.01 -22.58 -19.51
C PRO E 14 -10.09 -24.05 -19.90
N GLY E 15 -10.63 -24.30 -21.10
CA GLY E 15 -10.82 -25.62 -21.62
C GLY E 15 -12.12 -26.29 -21.20
N GLN E 16 -12.79 -25.78 -20.18
CA GLN E 16 -13.99 -26.44 -19.72
C GLN E 16 -15.19 -26.11 -20.61
N LYS E 17 -16.26 -26.89 -20.47
CA LYS E 17 -17.49 -26.64 -21.18
C LYS E 17 -18.43 -25.83 -20.29
N VAL E 18 -18.90 -24.70 -20.78
CA VAL E 18 -19.80 -23.84 -20.04
C VAL E 18 -21.17 -23.88 -20.70
N THR E 19 -22.21 -23.96 -19.89
CA THR E 19 -23.57 -23.82 -20.41
C THR E 19 -24.27 -22.65 -19.73
N ILE E 20 -24.92 -21.83 -20.53
CA ILE E 20 -25.73 -20.72 -20.05
C ILE E 20 -27.17 -21.00 -20.48
N SER E 21 -28.08 -21.03 -19.51
CA SER E 21 -29.45 -21.40 -19.78
C SER E 21 -30.38 -20.21 -19.57
N CYS E 22 -31.49 -20.23 -20.29
CA CYS E 22 -32.48 -19.17 -20.26
C CYS E 22 -33.83 -19.86 -20.10
N SER E 23 -34.55 -19.50 -19.05
CA SER E 23 -35.84 -20.13 -18.73
C SER E 23 -36.97 -19.13 -18.95
N GLY E 24 -37.97 -19.53 -19.73
CA GLY E 24 -39.07 -18.66 -20.08
C GLY E 24 -40.42 -19.29 -19.86
N SER E 25 -41.27 -19.25 -20.88
CA SER E 25 -42.64 -19.78 -20.83
C SER E 25 -42.94 -20.42 -22.17
N SER E 26 -44.10 -21.08 -22.23
CA SER E 26 -44.52 -21.69 -23.49
C SER E 26 -44.77 -20.65 -24.58
N SER E 27 -45.14 -19.42 -24.19
CA SER E 27 -45.41 -18.37 -25.17
C SER E 27 -44.15 -17.70 -25.71
N ASN E 28 -42.99 -17.77 -25.02
CA ASN E 28 -41.80 -17.28 -25.70
C ASN E 28 -40.88 -18.40 -26.17
N ILE E 29 -40.10 -18.98 -25.25
CA ILE E 29 -39.13 -20.01 -25.66
C ILE E 29 -39.84 -21.23 -26.21
N GLY E 30 -41.02 -21.53 -25.67
CA GLY E 30 -41.75 -22.73 -26.11
C GLY E 30 -42.00 -22.78 -27.60
N ILE E 31 -42.40 -21.66 -28.21
CA ILE E 31 -42.86 -21.70 -29.60
C ILE E 31 -42.13 -20.74 -30.52
N ASN E 32 -41.13 -19.99 -30.05
CA ASN E 32 -40.49 -18.98 -30.90
C ASN E 32 -39.00 -19.25 -31.05
N TYR E 33 -38.36 -18.52 -31.96
CA TYR E 33 -36.94 -18.67 -32.25
C TYR E 33 -36.09 -18.06 -31.14
N VAL E 34 -35.16 -18.85 -30.57
CA VAL E 34 -34.23 -18.33 -29.55
C VAL E 34 -32.92 -17.91 -30.22
N ALA E 35 -32.43 -16.73 -29.83
CA ALA E 35 -31.15 -16.23 -30.30
C ALA E 35 -30.25 -15.98 -29.09
N TRP E 36 -28.96 -16.08 -29.33
CA TRP E 36 -27.96 -15.85 -28.30
C TRP E 36 -26.97 -14.82 -28.82
N TYR E 37 -26.67 -13.84 -27.99
CA TYR E 37 -25.80 -12.74 -28.36
C TYR E 37 -24.64 -12.61 -27.38
N GLN E 38 -23.47 -12.31 -27.92
CA GLN E 38 -22.28 -12.02 -27.14
C GLN E 38 -22.03 -10.51 -27.19
N GLN E 39 -21.76 -9.90 -26.03
CA GLN E 39 -21.57 -8.46 -26.00
C GLN E 39 -20.51 -8.03 -25.01
N VAL E 40 -19.71 -7.05 -25.44
CA VAL E 40 -19.01 -6.15 -24.52
C VAL E 40 -19.90 -4.96 -24.21
N PRO E 41 -20.08 -4.60 -22.93
CA PRO E 41 -21.12 -3.63 -22.55
C PRO E 41 -21.03 -2.30 -23.30
N GLY E 42 -22.20 -1.77 -23.67
CA GLY E 42 -22.34 -0.52 -24.38
C GLY E 42 -22.04 -0.55 -25.87
N THR E 43 -21.74 -1.70 -26.46
CA THR E 43 -21.43 -1.81 -27.88
C THR E 43 -22.30 -2.91 -28.48
N ALA E 44 -22.35 -2.97 -29.82
CA ALA E 44 -23.34 -3.82 -30.48
C ALA E 44 -23.08 -5.30 -30.20
N PRO E 45 -24.10 -6.06 -29.83
CA PRO E 45 -23.90 -7.50 -29.62
C PRO E 45 -23.72 -8.23 -30.93
N LYS E 46 -23.06 -9.39 -30.83
CA LYS E 46 -22.78 -10.27 -31.94
C LYS E 46 -23.67 -11.51 -31.82
N LEU E 47 -24.43 -11.78 -32.87
CA LEU E 47 -25.26 -12.98 -32.92
C LEU E 47 -24.41 -14.26 -32.95
N LEU E 48 -24.61 -15.12 -31.96
CA LEU E 48 -23.91 -16.41 -31.90
C LEU E 48 -24.76 -17.57 -32.39
N ILE E 49 -26.04 -17.56 -32.04
CA ILE E 49 -26.97 -18.65 -32.34
C ILE E 49 -28.29 -18.03 -32.77
N TYR E 50 -28.91 -18.60 -33.80
CA TYR E 50 -30.24 -18.17 -34.20
C TYR E 50 -31.12 -19.41 -34.43
N ASP E 51 -32.44 -19.19 -34.45
CA ASP E 51 -33.42 -20.26 -34.64
C ASP E 51 -33.19 -21.41 -33.66
N SER E 52 -32.75 -21.02 -32.47
CA SER E 52 -32.56 -21.82 -31.26
C SER E 52 -31.35 -22.74 -31.32
N ASN E 53 -30.94 -23.20 -32.51
CA ASN E 53 -29.85 -24.17 -32.57
C ASN E 53 -28.96 -24.01 -33.80
N LYS E 54 -29.06 -22.91 -34.55
CA LYS E 54 -28.25 -22.70 -35.75
C LYS E 54 -27.16 -21.68 -35.48
N ARG E 55 -25.99 -21.91 -36.03
CA ARG E 55 -24.86 -21.01 -35.92
C ARG E 55 -24.66 -20.27 -37.23
N PRO E 56 -24.56 -18.95 -37.23
CA PRO E 56 -24.24 -18.23 -38.48
C PRO E 56 -22.81 -18.52 -38.91
N SER E 57 -22.58 -18.41 -40.22
CA SER E 57 -21.22 -18.53 -40.72
C SER E 57 -20.31 -17.51 -40.04
N GLY E 58 -19.09 -17.92 -39.72
CA GLY E 58 -18.15 -17.05 -39.07
C GLY E 58 -18.08 -17.19 -37.57
N VAL E 59 -19.09 -17.81 -36.95
CA VAL E 59 -19.06 -18.06 -35.50
C VAL E 59 -18.36 -19.39 -35.25
N SER E 60 -17.43 -19.40 -34.28
CA SER E 60 -16.68 -20.60 -33.93
C SER E 60 -17.60 -21.78 -33.60
N ASP E 61 -17.22 -22.97 -34.07
CA ASP E 61 -18.02 -24.15 -33.75
C ASP E 61 -17.88 -24.59 -32.30
N ARG E 62 -17.13 -23.86 -31.46
CA ARG E 62 -17.19 -24.10 -30.02
C ARG E 62 -18.52 -23.68 -29.43
N PHE E 63 -19.29 -22.87 -30.14
CA PHE E 63 -20.57 -22.34 -29.69
C PHE E 63 -21.69 -23.18 -30.28
N SER E 64 -22.63 -23.61 -29.43
CA SER E 64 -23.80 -24.30 -29.93
C SER E 64 -24.98 -23.92 -29.07
N GLY E 65 -26.19 -24.16 -29.59
CA GLY E 65 -27.38 -23.89 -28.82
C GLY E 65 -28.43 -24.96 -29.03
N SER E 66 -29.35 -25.02 -28.06
CA SER E 66 -30.50 -25.91 -28.13
C SER E 66 -31.59 -25.37 -27.22
N LYS E 67 -32.80 -25.86 -27.41
CA LYS E 67 -33.88 -25.56 -26.49
C LYS E 67 -34.72 -26.81 -26.33
N SER E 68 -35.44 -26.86 -25.21
CA SER E 68 -36.29 -28.00 -24.93
C SER E 68 -37.40 -27.51 -24.01
N GLY E 69 -38.64 -27.69 -24.42
CA GLY E 69 -39.74 -27.14 -23.65
C GLY E 69 -39.61 -25.63 -23.56
N ILE E 70 -39.56 -25.10 -22.33
CA ILE E 70 -39.55 -23.66 -22.13
C ILE E 70 -38.16 -23.15 -21.75
N SER E 71 -37.14 -23.98 -21.91
CA SER E 71 -35.79 -23.61 -21.55
C SER E 71 -34.86 -23.73 -22.75
N ALA E 72 -33.87 -22.84 -22.80
CA ALA E 72 -32.90 -22.83 -23.89
C ALA E 72 -31.51 -22.69 -23.29
N SER E 73 -30.50 -23.22 -23.98
CA SER E 73 -29.16 -23.26 -23.45
C SER E 73 -28.14 -22.94 -24.55
N LEU E 74 -27.17 -22.13 -24.18
CA LEU E 74 -25.97 -21.88 -24.97
C LEU E 74 -24.83 -22.68 -24.36
N ALA E 75 -24.08 -23.42 -25.20
CA ALA E 75 -22.93 -24.19 -24.72
C ALA E 75 -21.66 -23.70 -25.39
N ILE E 76 -20.62 -23.49 -24.60
CA ILE E 76 -19.31 -23.05 -25.07
C ILE E 76 -18.30 -24.11 -24.66
N THR E 77 -17.74 -24.83 -25.64
CA THR E 77 -16.71 -25.79 -25.32
C THR E 77 -15.34 -25.14 -25.43
N GLY E 78 -14.36 -25.76 -24.79
CA GLY E 78 -12.98 -25.31 -24.88
C GLY E 78 -12.81 -23.86 -24.47
N LEU E 79 -13.37 -23.48 -23.32
CA LEU E 79 -13.41 -22.08 -22.89
C LEU E 79 -12.07 -21.39 -23.06
N GLN E 80 -12.09 -20.20 -23.66
CA GLN E 80 -10.91 -19.38 -23.80
C GLN E 80 -11.09 -18.09 -23.02
N THR E 81 -9.97 -17.47 -22.61
CA THR E 81 -10.11 -16.23 -21.87
C THR E 81 -10.77 -15.15 -22.72
N GLY E 82 -10.63 -15.23 -24.04
CA GLY E 82 -11.29 -14.29 -24.93
C GLY E 82 -12.79 -14.43 -25.00
N ASP E 83 -13.37 -15.48 -24.41
CA ASP E 83 -14.82 -15.64 -24.37
C ASP E 83 -15.46 -14.87 -23.22
N GLU E 84 -14.67 -14.17 -22.41
CA GLU E 84 -15.23 -13.34 -21.35
C GLU E 84 -16.05 -12.22 -21.96
N ALA E 85 -17.32 -12.14 -21.58
CA ALA E 85 -18.27 -11.23 -22.21
C ALA E 85 -19.61 -11.38 -21.52
N ASP E 86 -20.60 -10.59 -21.93
CA ASP E 86 -21.96 -10.76 -21.44
C ASP E 86 -22.75 -11.51 -22.51
N TYR E 87 -23.55 -12.49 -22.08
CA TYR E 87 -24.30 -13.34 -23.00
C TYR E 87 -25.79 -13.17 -22.72
N TYR E 88 -26.57 -12.85 -23.77
CA TYR E 88 -28.01 -12.57 -23.67
C TYR E 88 -28.79 -13.56 -24.53
N CYS E 89 -29.85 -14.16 -23.97
CA CYS E 89 -30.83 -14.83 -24.82
C CYS E 89 -31.84 -13.78 -25.32
N GLY E 90 -32.36 -14.00 -26.52
CA GLY E 90 -33.42 -13.14 -27.04
C GLY E 90 -34.50 -13.97 -27.70
N VAL E 91 -35.78 -13.63 -27.52
CA VAL E 91 -36.87 -14.42 -28.09
C VAL E 91 -38.13 -13.57 -28.13
N TRP E 92 -38.99 -13.85 -29.11
CA TRP E 92 -40.30 -13.21 -29.18
C TRP E 92 -41.24 -13.85 -28.16
N ASP E 93 -42.04 -13.03 -27.50
CA ASP E 93 -43.12 -13.51 -26.64
C ASP E 93 -44.46 -13.28 -27.34
N THR E 94 -45.08 -14.37 -27.81
CA THR E 94 -46.32 -14.26 -28.54
C THR E 94 -47.42 -13.60 -27.71
N SER E 95 -47.46 -13.88 -26.40
CA SER E 95 -48.55 -13.35 -25.58
C SER E 95 -48.35 -11.88 -25.27
N LEU E 96 -47.11 -11.42 -25.18
CA LEU E 96 -46.83 -10.01 -24.96
C LEU E 96 -46.71 -9.22 -26.26
N THR E 97 -46.67 -9.89 -27.40
CA THR E 97 -46.34 -9.31 -28.70
C THR E 97 -45.16 -8.36 -28.59
N ALA E 98 -44.05 -8.92 -28.08
CA ALA E 98 -42.84 -8.15 -27.83
C ALA E 98 -41.64 -9.09 -27.91
N TYR E 99 -40.50 -8.53 -28.32
CA TYR E 99 -39.22 -9.24 -28.23
C TYR E 99 -38.62 -8.97 -26.86
N ILE E 100 -38.06 -10.01 -26.24
CA ILE E 100 -37.55 -9.96 -24.88
C ILE E 100 -36.10 -10.45 -24.88
N PHE E 101 -35.22 -9.67 -24.27
CA PHE E 101 -33.87 -10.14 -23.94
C PHE E 101 -33.84 -10.65 -22.50
N GLY E 102 -33.07 -11.72 -22.26
CA GLY E 102 -32.75 -12.07 -20.89
C GLY E 102 -31.96 -10.95 -20.23
N ALA E 103 -31.84 -11.03 -18.90
CA ALA E 103 -31.11 -10.00 -18.17
C ALA E 103 -29.60 -10.07 -18.41
N GLY E 104 -29.08 -11.12 -19.05
CA GLY E 104 -27.66 -11.19 -19.32
C GLY E 104 -26.88 -12.05 -18.32
N THR E 105 -25.87 -12.77 -18.79
CA THR E 105 -24.99 -13.58 -17.95
C THR E 105 -23.57 -13.12 -18.22
N ARG E 106 -22.88 -12.65 -17.17
CA ARG E 106 -21.50 -12.23 -17.29
C ARG E 106 -20.60 -13.45 -17.09
N LEU E 107 -19.79 -13.76 -18.10
CA LEU E 107 -18.95 -14.95 -18.08
C LEU E 107 -17.55 -14.57 -17.62
N THR E 108 -17.08 -15.26 -16.58
CA THR E 108 -15.73 -15.07 -16.06
C THR E 108 -14.94 -16.35 -16.30
N VAL E 109 -13.69 -16.21 -16.77
CA VAL E 109 -12.80 -17.35 -16.94
C VAL E 109 -11.87 -17.42 -15.73
N LEU E 110 -11.96 -18.50 -14.97
CA LEU E 110 -11.22 -18.61 -13.72
C LEU E 110 -9.72 -18.75 -13.94
N GLY E 111 -8.94 -18.51 -12.87
CA GLY E 111 -7.53 -18.78 -12.87
C GLY E 111 -6.63 -17.57 -13.01
N GLN E 112 -7.16 -16.41 -13.38
CA GLN E 112 -6.32 -15.23 -13.50
C GLN E 112 -5.74 -14.85 -12.14
N PRO E 113 -4.48 -14.44 -12.07
CA PRO E 113 -3.83 -14.20 -10.77
C PRO E 113 -4.41 -12.96 -10.08
N LYS E 114 -4.73 -13.11 -8.80
CA LYS E 114 -5.22 -11.99 -8.00
C LYS E 114 -4.16 -10.88 -7.95
N ALA E 115 -4.63 -9.64 -7.91
CA ALA E 115 -3.74 -8.47 -7.90
C ALA E 115 -4.31 -7.44 -6.93
N ALA E 116 -3.47 -7.00 -5.97
CA ALA E 116 -3.88 -6.01 -4.98
C ALA E 116 -3.90 -4.60 -5.58
N PRO E 117 -4.80 -3.75 -5.12
CA PRO E 117 -4.91 -2.41 -5.71
C PRO E 117 -3.74 -1.51 -5.33
N SER E 118 -3.33 -0.69 -6.28
CA SER E 118 -2.41 0.40 -6.01
C SER E 118 -3.23 1.65 -5.71
N VAL E 119 -2.91 2.33 -4.62
CA VAL E 119 -3.75 3.40 -4.08
C VAL E 119 -2.91 4.66 -3.94
N THR E 120 -3.45 5.78 -4.43
CA THR E 120 -2.83 7.10 -4.32
C THR E 120 -3.88 8.05 -3.79
N LEU E 121 -3.55 8.76 -2.71
CA LEU E 121 -4.47 9.72 -2.10
C LEU E 121 -3.89 11.11 -2.20
N PHE E 122 -4.67 12.05 -2.76
CA PHE E 122 -4.22 13.43 -2.93
C PHE E 122 -4.98 14.37 -2.00
N PRO E 123 -4.29 15.29 -1.34
CA PRO E 123 -4.98 16.31 -0.56
C PRO E 123 -5.49 17.42 -1.45
N PRO E 124 -6.34 18.30 -0.94
CA PRO E 124 -6.77 19.44 -1.77
C PRO E 124 -5.57 20.31 -2.13
N SER E 125 -5.63 20.91 -3.32
CA SER E 125 -4.64 21.89 -3.71
C SER E 125 -4.91 23.22 -3.03
N SER E 126 -3.86 24.04 -2.92
CA SER E 126 -4.02 25.36 -2.33
C SER E 126 -4.96 26.23 -3.16
N GLU E 127 -4.94 26.06 -4.48
CA GLU E 127 -5.83 26.84 -5.33
C GLU E 127 -7.30 26.48 -5.09
N GLU E 128 -7.60 25.21 -4.79
CA GLU E 128 -8.98 24.88 -4.47
C GLU E 128 -9.34 25.36 -3.07
N LEU E 129 -8.38 25.31 -2.14
CA LEU E 129 -8.63 25.79 -0.79
C LEU E 129 -8.89 27.30 -0.79
N GLN E 130 -8.23 28.02 -1.69
CA GLN E 130 -8.44 29.45 -1.79
C GLN E 130 -9.84 29.79 -2.29
N ALA E 131 -10.53 28.81 -2.89
CA ALA E 131 -11.93 28.94 -3.21
C ALA E 131 -12.83 28.42 -2.10
N ASN E 132 -12.26 28.10 -0.93
CA ASN E 132 -12.99 27.63 0.25
C ASN E 132 -13.65 26.27 0.03
N LYS E 133 -13.06 25.45 -0.85
CA LYS E 133 -13.49 24.08 -1.07
C LYS E 133 -12.27 23.17 -0.94
N ALA E 134 -12.54 21.88 -0.69
CA ALA E 134 -11.47 20.91 -0.51
C ALA E 134 -11.95 19.55 -1.00
N THR E 135 -11.28 19.00 -2.01
CA THR E 135 -11.63 17.70 -2.58
C THR E 135 -10.47 16.73 -2.39
N LEU E 136 -10.72 15.66 -1.65
CA LEU E 136 -9.76 14.56 -1.53
C LEU E 136 -10.00 13.57 -2.66
N VAL E 137 -8.93 13.14 -3.32
CA VAL E 137 -8.98 12.30 -4.51
C VAL E 137 -8.24 10.99 -4.20
N CYS E 138 -8.97 9.88 -4.21
CA CYS E 138 -8.37 8.57 -3.96
C CYS E 138 -8.43 7.75 -5.24
N LEU E 139 -7.27 7.43 -5.79
CA LEU E 139 -7.16 6.74 -7.07
C LEU E 139 -6.72 5.30 -6.84
N ILE E 140 -7.45 4.36 -7.42
CA ILE E 140 -7.29 2.93 -7.17
C ILE E 140 -7.10 2.24 -8.51
N SER E 141 -5.98 1.52 -8.68
CA SER E 141 -5.69 0.92 -9.97
C SER E 141 -5.06 -0.46 -9.83
N ASP E 142 -5.03 -1.17 -10.96
CA ASP E 142 -4.29 -2.42 -11.13
C ASP E 142 -4.72 -3.49 -10.14
N PHE E 143 -6.02 -3.60 -9.89
CA PHE E 143 -6.49 -4.69 -9.06
C PHE E 143 -7.24 -5.72 -9.90
N TYR E 144 -7.27 -6.97 -9.40
CA TYR E 144 -7.99 -8.11 -9.98
C TYR E 144 -8.29 -9.12 -8.87
N PRO E 145 -9.53 -9.62 -8.76
CA PRO E 145 -10.68 -9.32 -9.62
C PRO E 145 -11.24 -7.91 -9.42
N GLY E 146 -12.16 -7.51 -10.29
CA GLY E 146 -12.62 -6.13 -10.36
C GLY E 146 -13.72 -5.73 -9.40
N ALA E 147 -13.51 -5.99 -8.12
CA ALA E 147 -14.46 -5.56 -7.09
C ALA E 147 -13.68 -5.05 -5.90
N VAL E 148 -14.09 -3.89 -5.39
CA VAL E 148 -13.38 -3.24 -4.30
C VAL E 148 -14.40 -2.49 -3.45
N GLU E 149 -14.05 -2.24 -2.21
CA GLU E 149 -14.88 -1.43 -1.32
C GLU E 149 -14.05 -0.30 -0.75
N VAL E 150 -14.63 0.90 -0.71
CA VAL E 150 -13.91 2.12 -0.36
C VAL E 150 -14.59 2.76 0.83
N ALA E 151 -13.82 3.02 1.88
CA ALA E 151 -14.32 3.68 3.08
C ALA E 151 -13.42 4.85 3.43
N TRP E 152 -14.00 5.95 3.86
CA TRP E 152 -13.26 7.14 4.22
C TRP E 152 -13.29 7.33 5.74
N LYS E 153 -12.16 7.73 6.31
CA LYS E 153 -12.10 8.01 7.74
C LYS E 153 -11.46 9.36 8.02
N ALA E 154 -12.07 10.11 8.94
CA ALA E 154 -11.51 11.34 9.49
C ALA E 154 -11.20 11.12 10.96
N ASP E 155 -9.92 11.13 11.32
CA ASP E 155 -9.47 10.88 12.69
C ASP E 155 -10.05 9.57 13.22
N GLY E 156 -10.01 8.54 12.39
CA GLY E 156 -10.43 7.21 12.80
C GLY E 156 -11.93 6.99 12.80
N SER E 157 -12.73 8.00 12.50
CA SER E 157 -14.18 7.87 12.48
C SER E 157 -14.70 7.79 11.05
N ALA E 158 -15.85 7.15 10.88
CA ALA E 158 -16.36 6.87 9.55
C ALA E 158 -17.01 8.13 8.97
N VAL E 159 -16.46 8.60 7.85
CA VAL E 159 -17.03 9.71 7.08
C VAL E 159 -17.94 9.10 6.04
N ASN E 160 -19.21 9.49 6.05
CA ASN E 160 -20.09 8.92 5.05
C ASN E 160 -21.04 9.96 4.48
N ALA E 161 -20.72 11.24 4.64
CA ALA E 161 -21.29 12.34 3.89
C ALA E 161 -20.22 12.94 2.98
N GLY E 162 -20.59 13.27 1.76
CA GLY E 162 -19.67 13.93 0.85
C GLY E 162 -18.77 13.03 0.05
N VAL E 163 -19.03 11.72 0.04
CA VAL E 163 -18.22 10.75 -0.70
C VAL E 163 -19.00 10.28 -1.93
N GLU E 164 -18.30 10.21 -3.05
CA GLU E 164 -18.81 9.64 -4.28
C GLU E 164 -17.73 8.73 -4.85
N THR E 165 -18.11 7.50 -5.21
CA THR E 165 -17.15 6.52 -5.68
C THR E 165 -17.62 5.90 -7.00
N THR E 166 -16.69 5.78 -7.95
CA THR E 166 -17.05 5.16 -9.21
C THR E 166 -17.13 3.65 -9.07
N LYS E 167 -17.86 3.04 -10.00
CA LYS E 167 -17.82 1.61 -10.20
C LYS E 167 -16.46 1.22 -10.78
N PRO E 168 -16.03 -0.03 -10.57
CA PRO E 168 -14.79 -0.48 -11.21
C PRO E 168 -14.94 -0.51 -12.72
N SER E 169 -13.84 -0.21 -13.39
CA SER E 169 -13.79 -0.24 -14.85
C SER E 169 -12.47 -0.89 -15.24
N LYS E 170 -12.45 -1.53 -16.40
CA LYS E 170 -11.34 -2.38 -16.76
C LYS E 170 -10.29 -1.60 -17.53
N GLN E 171 -9.03 -1.77 -17.14
CA GLN E 171 -7.93 -1.05 -17.75
C GLN E 171 -7.45 -1.78 -19.00
N SER E 172 -6.46 -1.20 -19.67
CA SER E 172 -5.91 -1.82 -20.88
C SER E 172 -5.16 -3.12 -20.58
N ASN E 173 -4.63 -3.27 -19.37
CA ASN E 173 -3.84 -4.45 -19.00
C ASN E 173 -4.66 -5.54 -18.31
N ASN E 174 -5.98 -5.48 -18.44
CA ASN E 174 -6.93 -6.47 -17.91
C ASN E 174 -7.14 -6.37 -16.40
N LYS E 175 -6.47 -5.48 -15.69
CA LYS E 175 -6.81 -5.23 -14.30
C LYS E 175 -7.89 -4.13 -14.23
N TYR E 176 -8.28 -3.75 -13.02
CA TYR E 176 -9.37 -2.82 -12.84
C TYR E 176 -8.91 -1.55 -12.14
N ALA E 177 -9.72 -0.51 -12.29
CA ALA E 177 -9.46 0.82 -11.73
C ALA E 177 -10.75 1.41 -11.23
N ALA E 178 -10.65 2.20 -10.16
CA ALA E 178 -11.74 2.99 -9.61
C ALA E 178 -11.17 4.24 -8.95
N SER E 179 -12.05 5.19 -8.64
CA SER E 179 -11.65 6.38 -7.90
C SER E 179 -12.76 6.77 -6.95
N SER E 180 -12.40 7.44 -5.87
CA SER E 180 -13.36 7.93 -4.89
C SER E 180 -13.00 9.36 -4.52
N TYR E 181 -14.03 10.17 -4.30
CA TYR E 181 -13.87 11.60 -4.06
C TYR E 181 -14.61 11.96 -2.77
N LEU E 182 -13.92 12.67 -1.88
CA LEU E 182 -14.52 13.23 -0.68
C LEU E 182 -14.51 14.76 -0.84
N SER E 183 -15.70 15.34 -1.03
CA SER E 183 -15.84 16.78 -1.25
C SER E 183 -16.23 17.47 0.05
N LEU E 184 -15.38 18.39 0.50
CA LEU E 184 -15.56 19.12 1.74
C LEU E 184 -15.47 20.63 1.48
N THR E 185 -15.68 21.40 2.55
CA THR E 185 -15.29 22.80 2.56
C THR E 185 -13.89 22.92 3.16
N SER E 186 -13.24 24.05 2.86
CA SER E 186 -11.99 24.43 3.51
C SER E 186 -12.02 24.14 5.01
N ASP E 187 -13.09 24.59 5.68
CA ASP E 187 -13.15 24.51 7.14
C ASP E 187 -13.11 23.06 7.62
N GLN E 188 -13.92 22.19 6.98
CA GLN E 188 -13.90 20.78 7.33
C GLN E 188 -12.51 20.18 7.13
N TRP E 189 -11.86 20.50 6.02
CA TRP E 189 -10.55 19.94 5.73
C TRP E 189 -9.54 20.22 6.85
N LYS E 190 -9.54 21.43 7.41
CA LYS E 190 -8.59 21.77 8.46
C LYS E 190 -9.09 21.38 9.84
N SER E 191 -10.38 21.05 9.97
CA SER E 191 -10.98 20.65 11.23
C SER E 191 -10.48 19.33 11.78
N HIS E 192 -9.61 18.61 11.06
CA HIS E 192 -9.31 17.23 11.42
C HIS E 192 -7.80 17.00 11.34
N LYS E 193 -7.34 16.08 12.19
CA LYS E 193 -5.92 15.74 12.23
C LYS E 193 -5.49 15.01 10.95
N SER E 194 -6.20 13.92 10.62
CA SER E 194 -5.82 13.06 9.50
C SER E 194 -7.06 12.57 8.78
N TYR E 195 -6.90 12.27 7.50
CA TYR E 195 -7.93 11.69 6.65
C TYR E 195 -7.38 10.44 5.99
N SER E 196 -8.20 9.39 5.91
CA SER E 196 -7.75 8.14 5.31
C SER E 196 -8.71 7.65 4.23
N CYS E 197 -8.13 7.12 3.16
CA CYS E 197 -8.86 6.37 2.15
C CYS E 197 -8.54 4.90 2.36
N GLN E 198 -9.58 4.10 2.61
CA GLN E 198 -9.41 2.69 2.95
C GLN E 198 -10.00 1.84 1.84
N VAL E 199 -9.16 1.09 1.15
CA VAL E 199 -9.56 0.30 -0.01
C VAL E 199 -9.48 -1.17 0.39
N THR E 200 -10.62 -1.83 0.45
CA THR E 200 -10.70 -3.25 0.79
C THR E 200 -10.83 -4.08 -0.48
N HIS E 201 -10.02 -5.12 -0.57
CA HIS E 201 -9.98 -5.99 -1.75
C HIS E 201 -9.69 -7.40 -1.29
N GLU E 202 -10.60 -8.33 -1.60
CA GLU E 202 -10.39 -9.76 -1.35
C GLU E 202 -10.03 -10.01 0.12
N GLY E 203 -10.80 -9.41 1.02
CA GLY E 203 -10.56 -9.58 2.44
C GLY E 203 -9.45 -8.74 3.03
N SER E 204 -8.60 -8.12 2.23
CA SER E 204 -7.51 -7.32 2.78
C SER E 204 -7.67 -5.85 2.39
N THR E 205 -7.04 -4.98 3.17
CA THR E 205 -7.26 -3.54 3.08
C THR E 205 -5.94 -2.79 2.91
N VAL E 206 -5.89 -1.94 1.90
CA VAL E 206 -4.81 -0.96 1.72
C VAL E 206 -5.35 0.39 2.17
N GLU E 207 -4.57 1.12 2.97
CA GLU E 207 -5.00 2.42 3.48
C GLU E 207 -3.95 3.49 3.25
N LYS E 208 -4.41 4.69 2.85
CA LYS E 208 -3.57 5.86 2.61
C LYS E 208 -4.11 7.02 3.43
N THR E 209 -3.20 7.85 3.95
CA THR E 209 -3.60 8.99 4.78
C THR E 209 -2.96 10.27 4.29
N VAL E 210 -3.64 11.39 4.58
CA VAL E 210 -3.17 12.74 4.26
C VAL E 210 -3.51 13.66 5.44
N ALA E 211 -2.66 14.65 5.68
CA ALA E 211 -2.84 15.58 6.79
C ALA E 211 -2.65 17.01 6.31
N PRO E 212 -3.50 17.95 6.76
CA PRO E 212 -3.41 19.39 6.41
C PRO E 212 -2.10 20.05 6.83
N ALA F 1 -31.60 -12.23 -36.84
CA ALA F 1 -32.48 -12.84 -35.83
C ALA F 1 -33.23 -11.81 -34.98
N VAL F 2 -32.56 -10.69 -34.66
CA VAL F 2 -33.06 -9.77 -33.63
C VAL F 2 -34.48 -9.29 -33.96
N GLY F 3 -35.39 -9.46 -33.00
CA GLY F 3 -36.74 -8.96 -33.12
C GLY F 3 -37.78 -9.90 -33.72
N ILE F 4 -37.36 -10.99 -34.34
CA ILE F 4 -38.25 -11.77 -35.20
C ILE F 4 -38.82 -12.98 -34.45
N GLY F 5 -40.16 -13.05 -34.40
CA GLY F 5 -40.84 -14.19 -33.82
C GLY F 5 -41.36 -15.16 -34.86
N ALA F 6 -41.81 -16.31 -34.37
CA ALA F 6 -42.44 -17.32 -35.21
C ALA F 6 -43.96 -17.31 -35.15
N VAL F 7 -44.55 -16.92 -34.01
CA VAL F 7 -45.98 -17.07 -33.78
C VAL F 7 -46.53 -15.72 -33.34
N PHE F 8 -47.49 -15.19 -34.07
CA PHE F 8 -48.06 -13.87 -33.83
C PHE F 8 -49.53 -13.90 -33.42
#